data_4I6G
#
_entry.id   4I6G
#
_cell.length_a   97.525
_cell.length_b   97.525
_cell.length_c   128.821
_cell.angle_alpha   90.00
_cell.angle_beta   90.00
_cell.angle_gamma   90.00
#
_symmetry.space_group_name_H-M   'P 43'
#
loop_
_entity.id
_entity.type
_entity.pdbx_description
1 polymer Cryptochrome-2
2 non-polymer 'FLAVIN-ADENINE DINUCLEOTIDE'
3 water water
#
_entity_poly.entity_id   1
_entity_poly.type   'polypeptide(L)'
_entity_poly.pdbx_seq_one_letter_code
;MAAAAVVAATVPAQSMGADGASSVHWFRKGLRLHDNPALLAAVRGARCVRCVYILDPWFAASSSVGINRWRFLLQSLEDL
DTSLRKLNSRLFVVRGQPADVFPRLFKEWGVTRLTFEYDSEPFGKERDAAIMKMAKEAGVEVVTENSHTLYDLDRIIELN
GQKPPLTYKRFQALISRMELPKKPAVAVSSQQMESCRAEIQENHDDTYGVPSLEELGFPTEGLGPAVWQGGETEALARLD
KHLERKAWVANYERPRMNANSLLASPTGLSPYLRFGCLSCRLFYYRLWDLYKKVKRNSTPPLSLFGQLLWREFFYTAATN
NPRFDRMEGNPICIQIPWDRNPEALAKWAEGKTGFPWIDAIMTQLRQEGWIHHLARHAVACFLTRGDLWVSWESGVRVFD
ELLLDADFSVNAGSWMWLSCSAFFQQFFHCYCPVGFGRRTDPSGDYIRRYLPKLKGFPSRYIYEPWNAPESVQKAAKCII
GVDYPRPIVNHAETSRLNIERMKQIYQQLSRY
;
_entity_poly.pdbx_strand_id   A,B
#
# COMPACT_ATOMS: atom_id res chain seq x y z
N ALA A 21 -10.29 -55.15 6.35
CA ALA A 21 -9.74 -54.53 5.14
C ALA A 21 -8.22 -54.52 5.13
N SER A 22 -7.64 -54.61 3.93
CA SER A 22 -6.23 -54.30 3.74
C SER A 22 -6.18 -52.95 3.04
N SER A 23 -5.76 -51.92 3.77
CA SER A 23 -5.91 -50.56 3.27
C SER A 23 -4.60 -49.87 2.91
N VAL A 24 -4.70 -49.03 1.88
CA VAL A 24 -3.63 -48.14 1.52
C VAL A 24 -4.16 -46.71 1.59
N HIS A 25 -3.50 -45.86 2.37
CA HIS A 25 -3.72 -44.43 2.24
C HIS A 25 -2.63 -43.86 1.33
N TRP A 26 -3.08 -43.19 0.27
CA TRP A 26 -2.17 -42.60 -0.72
C TRP A 26 -2.03 -41.12 -0.41
N PHE A 27 -0.84 -40.71 0.03
CA PHE A 27 -0.52 -39.27 0.22
C PHE A 27 -0.14 -38.62 -1.12
N ARG A 28 -0.65 -37.43 -1.40
CA ARG A 28 -0.18 -36.65 -2.54
C ARG A 28 -0.01 -35.23 -2.01
N LYS A 29 -1.13 -34.53 -1.87
CA LYS A 29 -1.19 -33.42 -0.93
C LYS A 29 -1.67 -34.05 0.40
N GLY A 30 -2.29 -33.26 1.26
CA GLY A 30 -2.76 -33.80 2.54
C GLY A 30 -1.64 -34.47 3.30
N LEU A 31 -0.45 -33.86 3.31
CA LEU A 31 0.73 -34.49 3.91
C LEU A 31 0.76 -34.33 5.44
N ARG A 32 -0.20 -35.00 6.10
CA ARG A 32 -0.41 -34.82 7.52
C ARG A 32 -1.23 -35.96 8.11
N LEU A 33 -1.19 -36.07 9.44
CA LEU A 33 -2.04 -37.02 10.17
C LEU A 33 -3.28 -36.37 10.80
N HIS A 34 -3.18 -35.11 11.22
CA HIS A 34 -4.36 -34.44 11.78
C HIS A 34 -5.31 -34.10 10.64
N ASP A 35 -6.58 -33.89 10.97
CA ASP A 35 -7.66 -33.64 10.00
C ASP A 35 -7.47 -34.39 8.69
N ASN A 36 -7.44 -35.72 8.80
CA ASN A 36 -7.27 -36.55 7.62
C ASN A 36 -8.38 -37.57 7.59
N PRO A 37 -9.58 -37.13 7.15
CA PRO A 37 -10.71 -38.07 7.11
C PRO A 37 -10.43 -39.25 6.18
N ALA A 38 -9.71 -39.03 5.08
CA ALA A 38 -9.35 -40.15 4.18
C ALA A 38 -8.53 -41.24 4.88
N LEU A 39 -7.58 -40.82 5.72
CA LEU A 39 -6.76 -41.78 6.50
C LEU A 39 -7.61 -42.55 7.51
N LEU A 40 -8.61 -41.88 8.08
CA LEU A 40 -9.51 -42.48 9.04
C LEU A 40 -10.35 -43.54 8.34
N ALA A 41 -10.73 -43.27 7.10
CA ALA A 41 -11.52 -44.23 6.34
C ALA A 41 -10.66 -45.44 6.02
N ALA A 42 -9.36 -45.22 5.82
CA ALA A 42 -8.41 -46.32 5.56
C ALA A 42 -8.26 -47.28 6.76
N VAL A 43 -8.38 -46.74 7.96
CA VAL A 43 -8.09 -47.51 9.16
C VAL A 43 -9.35 -48.15 9.74
N ARG A 44 -10.52 -47.57 9.41
CA ARG A 44 -11.79 -48.05 9.92
C ARG A 44 -12.03 -49.51 9.57
N GLY A 45 -12.13 -50.36 10.59
CA GLY A 45 -12.32 -51.79 10.40
C GLY A 45 -11.27 -52.40 9.50
N ALA A 46 -10.03 -51.94 9.65
CA ALA A 46 -8.94 -52.46 8.83
C ALA A 46 -8.07 -53.47 9.59
N ARG A 47 -7.66 -54.51 8.88
CA ARG A 47 -6.71 -55.49 9.37
C ARG A 47 -5.29 -54.94 9.20
N CYS A 48 -5.08 -54.24 8.08
CA CYS A 48 -3.77 -53.69 7.77
C CYS A 48 -3.93 -52.34 7.09
N VAL A 49 -3.06 -51.41 7.43
CA VAL A 49 -2.99 -50.17 6.67
C VAL A 49 -1.54 -49.80 6.32
N ARG A 50 -1.34 -49.35 5.09
CA ARG A 50 -0.05 -48.83 4.65
C ARG A 50 -0.22 -47.43 4.06
N CYS A 51 0.63 -46.51 4.49
CA CYS A 51 0.65 -45.16 3.94
C CYS A 51 1.70 -45.08 2.86
N VAL A 52 1.27 -44.71 1.65
CA VAL A 52 2.21 -44.60 0.55
C VAL A 52 2.24 -43.20 -0.08
N TYR A 53 3.44 -42.85 -0.53
CA TYR A 53 3.62 -41.75 -1.44
C TYR A 53 4.31 -42.36 -2.66
N ILE A 54 3.81 -42.03 -3.84
CA ILE A 54 4.35 -42.61 -5.07
C ILE A 54 5.17 -41.56 -5.79
N LEU A 55 6.45 -41.85 -6.01
CA LEU A 55 7.37 -40.84 -6.52
C LEU A 55 8.23 -41.44 -7.61
N ASP A 56 8.18 -40.83 -8.79
CA ASP A 56 8.95 -41.29 -9.94
C ASP A 56 10.24 -40.47 -10.01
N PRO A 57 11.37 -41.07 -9.57
CA PRO A 57 12.64 -40.36 -9.41
C PRO A 57 13.22 -39.88 -10.74
N TRP A 58 12.81 -40.51 -11.84
CA TRP A 58 13.26 -40.04 -13.15
C TRP A 58 12.38 -38.89 -13.64
N PHE A 59 11.12 -38.85 -13.21
CA PHE A 59 10.32 -37.65 -13.44
C PHE A 59 10.87 -36.48 -12.61
N ALA A 60 11.21 -36.77 -11.36
CA ALA A 60 11.82 -35.78 -10.49
C ALA A 60 13.13 -35.28 -11.07
N ALA A 61 13.84 -36.15 -11.77
CA ALA A 61 15.18 -35.85 -12.29
C ALA A 61 15.13 -34.84 -13.44
N SER A 62 14.01 -34.85 -14.15
CA SER A 62 13.86 -34.03 -15.34
C SER A 62 12.98 -32.80 -15.06
N SER A 63 12.33 -32.77 -13.91
CA SER A 63 11.41 -31.69 -13.57
C SER A 63 12.09 -30.30 -13.61
N SER A 64 11.37 -29.29 -14.10
CA SER A 64 11.94 -27.93 -14.14
C SER A 64 11.66 -27.11 -12.86
N VAL A 65 10.85 -27.67 -11.96
CA VAL A 65 10.69 -27.10 -10.62
C VAL A 65 12.07 -27.05 -9.94
N GLY A 66 12.40 -25.97 -9.23
CA GLY A 66 13.70 -25.83 -8.57
C GLY A 66 13.82 -26.59 -7.26
N ILE A 67 15.01 -26.57 -6.66
CA ILE A 67 15.31 -27.41 -5.48
C ILE A 67 14.49 -27.13 -4.25
N ASN A 68 14.14 -25.87 -4.03
CA ASN A 68 13.50 -25.48 -2.79
C ASN A 68 12.18 -26.20 -2.58
N ARG A 69 11.34 -26.24 -3.61
CA ARG A 69 10.07 -26.93 -3.46
C ARG A 69 10.29 -28.44 -3.38
N TRP A 70 11.19 -28.98 -4.20
CA TRP A 70 11.54 -30.40 -4.09
C TRP A 70 12.05 -30.75 -2.70
N ARG A 71 12.91 -29.90 -2.16
CA ARG A 71 13.41 -30.11 -0.81
C ARG A 71 12.28 -30.08 0.22
N PHE A 72 11.40 -29.09 0.13
CA PHE A 72 10.26 -29.00 1.03
C PHE A 72 9.43 -30.29 1.02
N LEU A 73 9.16 -30.85 -0.16
CA LEU A 73 8.42 -32.10 -0.28
C LEU A 73 9.11 -33.24 0.46
N LEU A 74 10.40 -33.42 0.22
CA LEU A 74 11.14 -34.50 0.86
C LEU A 74 11.09 -34.35 2.38
N GLN A 75 11.24 -33.11 2.86
CA GLN A 75 11.23 -32.86 4.30
C GLN A 75 9.86 -33.13 4.90
N SER A 76 8.82 -32.90 4.10
CA SER A 76 7.45 -33.20 4.53
C SER A 76 7.23 -34.73 4.62
N LEU A 77 7.76 -35.46 3.64
CA LEU A 77 7.68 -36.91 3.66
C LEU A 77 8.56 -37.50 4.78
N GLU A 78 9.66 -36.81 5.10
CA GLU A 78 10.50 -37.27 6.22
C GLU A 78 9.73 -37.15 7.53
N ASP A 79 9.03 -36.03 7.70
CA ASP A 79 8.27 -35.78 8.93
C ASP A 79 7.11 -36.76 9.09
N LEU A 80 6.44 -37.07 7.98
CA LEU A 80 5.36 -38.05 7.95
C LEU A 80 5.88 -39.43 8.38
N ASP A 81 7.07 -39.81 7.91
CA ASP A 81 7.73 -41.07 8.30
C ASP A 81 8.10 -41.08 9.80
N THR A 82 8.53 -39.92 10.31
CA THR A 82 8.85 -39.81 11.75
C THR A 82 7.58 -39.92 12.60
N SER A 83 6.47 -39.39 12.09
CA SER A 83 5.19 -39.46 12.79
C SER A 83 4.66 -40.89 12.77
N LEU A 84 4.92 -41.59 11.68
CA LEU A 84 4.45 -42.98 11.55
C LEU A 84 5.27 -43.92 12.45
N ARG A 85 6.55 -43.62 12.64
CA ARG A 85 7.42 -44.41 13.52
C ARG A 85 6.98 -44.36 14.98
N LYS A 86 6.22 -43.31 15.33
CA LYS A 86 5.69 -43.15 16.68
C LYS A 86 4.35 -43.85 16.84
N LEU A 87 3.76 -44.26 15.72
CA LEU A 87 2.54 -45.06 15.73
C LEU A 87 2.88 -46.50 15.35
N ASN A 88 4.19 -46.80 15.40
CA ASN A 88 4.75 -48.10 15.00
C ASN A 88 4.38 -48.60 13.61
N SER A 89 4.34 -47.65 12.67
CA SER A 89 4.24 -47.96 11.26
C SER A 89 5.37 -47.20 10.57
N ARG A 90 5.30 -47.08 9.25
CA ARG A 90 6.24 -46.28 8.47
C ARG A 90 5.57 -45.75 7.20
N LEU A 91 6.20 -44.75 6.57
CA LEU A 91 5.78 -44.32 5.24
C LEU A 91 6.42 -45.24 4.22
N PHE A 92 5.62 -45.69 3.26
CA PHE A 92 6.14 -46.43 2.11
C PHE A 92 6.26 -45.46 0.95
N VAL A 93 7.48 -45.07 0.60
CA VAL A 93 7.68 -44.28 -0.61
C VAL A 93 7.90 -45.23 -1.77
N VAL A 94 6.94 -45.30 -2.68
CA VAL A 94 7.05 -46.23 -3.80
C VAL A 94 7.52 -45.53 -5.07
N ARG A 95 8.58 -46.10 -5.65
CA ARG A 95 9.22 -45.50 -6.81
C ARG A 95 8.53 -45.89 -8.11
N GLY A 96 7.91 -44.93 -8.79
CA GLY A 96 7.25 -45.18 -10.07
C GLY A 96 6.08 -44.23 -10.29
N GLN A 97 5.20 -44.57 -11.22
CA GLN A 97 3.95 -43.82 -11.41
C GLN A 97 2.75 -44.64 -10.93
N PRO A 98 1.72 -43.97 -10.37
CA PRO A 98 0.54 -44.64 -9.79
C PRO A 98 -0.05 -45.75 -10.69
N ALA A 99 -0.09 -45.48 -11.98
CA ALA A 99 -0.72 -46.39 -12.96
C ALA A 99 -0.03 -47.76 -13.09
N ASP A 100 1.29 -47.78 -13.17
CA ASP A 100 2.00 -49.05 -13.26
C ASP A 100 2.60 -49.53 -11.93
N VAL A 101 2.18 -48.90 -10.84
CA VAL A 101 2.60 -49.29 -9.49
C VAL A 101 1.43 -49.89 -8.71
N PHE A 102 0.27 -49.25 -8.76
CA PHE A 102 -0.90 -49.72 -8.00
C PHE A 102 -1.34 -51.17 -8.25
N PRO A 103 -1.42 -51.61 -9.53
CA PRO A 103 -1.80 -53.02 -9.76
C PRO A 103 -0.83 -54.00 -9.12
N ARG A 104 0.45 -53.62 -9.09
CA ARG A 104 1.47 -54.42 -8.43
C ARG A 104 1.24 -54.39 -6.92
N LEU A 105 0.83 -53.24 -6.39
CA LEU A 105 0.56 -53.10 -4.96
C LEU A 105 -0.71 -53.85 -4.55
N PHE A 106 -1.75 -53.72 -5.37
CA PHE A 106 -3.04 -54.32 -5.09
C PHE A 106 -2.92 -55.84 -4.93
N LYS A 107 -1.99 -56.45 -5.65
CA LYS A 107 -1.77 -57.90 -5.59
C LYS A 107 -0.77 -58.30 -4.51
N GLU A 108 0.41 -57.67 -4.54
CA GLU A 108 1.48 -57.96 -3.58
C GLU A 108 1.04 -57.77 -2.13
N TRP A 109 0.12 -56.83 -1.91
CA TRP A 109 -0.34 -56.54 -0.56
C TRP A 109 -1.72 -57.09 -0.26
N GLY A 110 -2.37 -57.63 -1.28
CA GLY A 110 -3.75 -58.08 -1.16
C GLY A 110 -4.68 -56.94 -0.78
N VAL A 111 -4.54 -55.80 -1.47
CA VAL A 111 -5.27 -54.59 -1.13
C VAL A 111 -6.80 -54.69 -1.37
N THR A 112 -7.54 -54.29 -0.35
CA THR A 112 -9.01 -54.30 -0.34
C THR A 112 -9.57 -52.89 -0.54
N ARG A 113 -8.88 -51.91 0.02
CA ARG A 113 -9.36 -50.54 0.05
C ARG A 113 -8.23 -49.56 -0.26
N LEU A 114 -8.54 -48.55 -1.06
CA LEU A 114 -7.62 -47.46 -1.37
C LEU A 114 -8.27 -46.13 -0.98
N THR A 115 -7.56 -45.29 -0.22
CA THR A 115 -8.09 -43.98 0.15
C THR A 115 -7.11 -42.85 -0.16
N PHE A 116 -7.66 -41.66 -0.40
CA PHE A 116 -6.86 -40.45 -0.56
C PHE A 116 -7.71 -39.20 -0.49
N GLU A 117 -7.04 -38.11 -0.18
CA GLU A 117 -7.69 -36.82 -0.18
C GLU A 117 -7.96 -36.37 -1.62
N TYR A 118 -9.16 -35.83 -1.83
CA TYR A 118 -9.60 -35.36 -3.13
C TYR A 118 -8.72 -34.23 -3.70
N ASP A 119 -8.46 -34.31 -5.00
CA ASP A 119 -7.70 -33.30 -5.75
C ASP A 119 -8.64 -32.60 -6.73
N SER A 120 -8.93 -31.33 -6.50
CA SER A 120 -9.87 -30.60 -7.36
C SER A 120 -9.26 -30.11 -8.70
N GLU A 121 -7.94 -30.21 -8.85
CA GLU A 121 -7.30 -29.70 -10.07
C GLU A 121 -7.66 -30.56 -11.29
N PRO A 122 -7.94 -29.93 -12.45
CA PRO A 122 -8.35 -30.68 -13.65
C PRO A 122 -7.46 -31.89 -13.98
N PHE A 123 -6.14 -31.72 -13.97
CA PHE A 123 -5.23 -32.84 -14.22
C PHE A 123 -5.38 -33.93 -13.14
N GLY A 124 -5.37 -33.50 -11.88
CA GLY A 124 -5.51 -34.40 -10.76
C GLY A 124 -6.82 -35.18 -10.83
N LYS A 125 -7.93 -34.46 -11.05
CA LYS A 125 -9.23 -35.11 -11.21
C LYS A 125 -9.15 -36.18 -12.29
N GLU A 126 -8.53 -35.83 -13.42
CA GLU A 126 -8.32 -36.76 -14.53
C GLU A 126 -7.57 -38.03 -14.11
N ARG A 127 -6.36 -37.85 -13.57
CA ARG A 127 -5.54 -38.96 -13.09
C ARG A 127 -6.30 -39.87 -12.11
N ASP A 128 -6.99 -39.26 -11.15
CA ASP A 128 -7.66 -40.01 -10.09
C ASP A 128 -8.86 -40.84 -10.57
N ALA A 129 -9.61 -40.31 -11.54
CA ALA A 129 -10.70 -41.06 -12.15
C ALA A 129 -10.15 -42.36 -12.78
N ALA A 130 -9.01 -42.26 -13.46
CA ALA A 130 -8.34 -43.42 -14.03
C ALA A 130 -7.88 -44.41 -12.96
N ILE A 131 -7.35 -43.89 -11.85
CA ILE A 131 -6.94 -44.73 -10.72
C ILE A 131 -8.11 -45.47 -10.07
N MET A 132 -9.22 -44.78 -9.80
CA MET A 132 -10.34 -45.48 -9.16
C MET A 132 -11.09 -46.43 -10.12
N LYS A 133 -11.07 -46.11 -11.41
CA LYS A 133 -11.65 -47.00 -12.42
C LYS A 133 -10.88 -48.32 -12.48
N MET A 134 -9.55 -48.24 -12.46
CA MET A 134 -8.71 -49.42 -12.36
C MET A 134 -8.92 -50.13 -11.03
N ALA A 135 -9.13 -49.35 -9.97
CA ALA A 135 -9.35 -49.92 -8.65
C ALA A 135 -10.66 -50.72 -8.61
N LYS A 136 -11.70 -50.20 -9.27
CA LYS A 136 -12.97 -50.91 -9.35
C LYS A 136 -12.84 -52.17 -10.20
N GLU A 137 -12.08 -52.09 -11.29
CA GLU A 137 -11.84 -53.25 -12.14
C GLU A 137 -10.89 -54.24 -11.47
N ALA A 138 -10.41 -53.90 -10.28
CA ALA A 138 -9.54 -54.78 -9.50
C ALA A 138 -10.19 -55.28 -8.21
N GLY A 139 -11.43 -54.84 -7.96
CA GLY A 139 -12.17 -55.25 -6.78
C GLY A 139 -11.81 -54.43 -5.55
N VAL A 140 -11.13 -53.30 -5.77
CA VAL A 140 -10.71 -52.43 -4.68
C VAL A 140 -11.68 -51.28 -4.43
N GLU A 141 -12.16 -51.18 -3.18
CA GLU A 141 -12.98 -50.05 -2.78
C GLU A 141 -12.15 -48.76 -2.72
N VAL A 142 -12.66 -47.68 -3.28
CA VAL A 142 -12.00 -46.38 -3.19
C VAL A 142 -12.83 -45.46 -2.35
N VAL A 143 -12.17 -44.76 -1.42
CA VAL A 143 -12.83 -43.75 -0.58
C VAL A 143 -12.00 -42.47 -0.64
N THR A 144 -12.64 -41.34 -0.99
CA THR A 144 -11.96 -40.04 -0.99
C THR A 144 -12.69 -39.04 -0.07
N GLU A 145 -11.93 -38.05 0.41
CA GLU A 145 -12.50 -36.97 1.23
C GLU A 145 -11.93 -35.64 0.76
N ASN A 146 -12.72 -34.57 0.87
CA ASN A 146 -12.31 -33.30 0.28
C ASN A 146 -11.67 -32.28 1.24
N SER A 147 -10.78 -32.79 2.10
CA SER A 147 -10.16 -31.99 3.16
C SER A 147 -9.04 -31.01 2.76
N HIS A 148 -8.73 -30.84 1.47
CA HIS A 148 -7.74 -29.83 1.03
C HIS A 148 -8.32 -28.41 1.00
N THR A 149 -9.64 -28.31 0.89
CA THR A 149 -10.30 -26.99 0.86
C THR A 149 -11.32 -26.90 1.98
N LEU A 150 -11.74 -25.68 2.29
CA LEU A 150 -12.72 -25.44 3.36
C LEU A 150 -14.09 -25.99 2.98
N TYR A 151 -14.44 -25.85 1.70
CA TYR A 151 -15.74 -26.24 1.17
C TYR A 151 -15.65 -27.24 0.02
N ASP A 152 -16.79 -27.86 -0.23
CA ASP A 152 -17.06 -28.61 -1.45
C ASP A 152 -17.24 -27.65 -2.62
N LEU A 153 -16.16 -27.48 -3.37
CA LEU A 153 -16.11 -26.62 -4.55
C LEU A 153 -17.27 -26.88 -5.52
N ASP A 154 -17.57 -28.16 -5.74
CA ASP A 154 -18.66 -28.57 -6.62
C ASP A 154 -20.03 -28.11 -6.15
N ARG A 155 -20.22 -27.98 -4.84
CA ARG A 155 -21.50 -27.49 -4.36
C ARG A 155 -21.66 -25.99 -4.65
N ILE A 156 -20.60 -25.23 -4.40
CA ILE A 156 -20.58 -23.81 -4.72
C ILE A 156 -20.94 -23.56 -6.19
N ILE A 157 -20.36 -24.37 -7.07
CA ILE A 157 -20.58 -24.26 -8.51
C ILE A 157 -22.03 -24.58 -8.89
N GLU A 158 -22.57 -25.66 -8.33
CA GLU A 158 -23.99 -25.99 -8.47
C GLU A 158 -24.89 -24.83 -8.01
N LEU A 159 -24.57 -24.22 -6.87
CA LEU A 159 -25.42 -23.15 -6.35
C LEU A 159 -25.36 -21.92 -7.26
N ASN A 160 -24.28 -21.81 -8.02
CA ASN A 160 -24.10 -20.69 -8.93
C ASN A 160 -24.60 -20.96 -10.34
N GLY A 161 -25.39 -22.02 -10.51
CA GLY A 161 -25.95 -22.34 -11.80
C GLY A 161 -24.97 -23.09 -12.67
N GLN A 162 -24.12 -23.90 -12.01
CA GLN A 162 -23.16 -24.81 -12.67
C GLN A 162 -21.97 -24.14 -13.33
N LYS A 163 -21.75 -22.87 -13.00
CA LYS A 163 -20.53 -22.17 -13.39
C LYS A 163 -19.87 -21.67 -12.09
N PRO A 164 -18.53 -21.59 -12.07
CA PRO A 164 -17.93 -20.97 -10.88
C PRO A 164 -18.17 -19.47 -10.85
N PRO A 165 -18.25 -18.88 -9.64
CA PRO A 165 -18.28 -17.41 -9.57
C PRO A 165 -16.97 -16.80 -10.08
N LEU A 166 -17.07 -15.71 -10.84
CA LEU A 166 -15.90 -15.02 -11.37
C LEU A 166 -15.67 -13.67 -10.71
N THR A 167 -16.46 -13.35 -9.70
CA THR A 167 -16.11 -12.26 -8.80
C THR A 167 -16.09 -12.75 -7.35
N TYR A 168 -15.36 -12.01 -6.52
CA TYR A 168 -15.14 -12.34 -5.14
C TYR A 168 -16.40 -12.12 -4.32
N LYS A 169 -17.10 -11.03 -4.58
CA LYS A 169 -18.34 -10.76 -3.86
C LYS A 169 -19.43 -11.78 -4.21
N ARG A 170 -19.57 -12.13 -5.49
CA ARG A 170 -20.44 -13.25 -5.86
C ARG A 170 -20.04 -14.54 -5.12
N PHE A 171 -18.74 -14.82 -5.02
CA PHE A 171 -18.25 -15.98 -4.28
C PHE A 171 -18.66 -15.92 -2.81
N GLN A 172 -18.44 -14.77 -2.19
CA GLN A 172 -18.80 -14.55 -0.80
C GLN A 172 -20.30 -14.72 -0.59
N ALA A 173 -21.08 -14.23 -1.55
CA ALA A 173 -22.54 -14.37 -1.51
C ALA A 173 -22.98 -15.84 -1.57
N LEU A 174 -22.28 -16.67 -2.34
CA LEU A 174 -22.59 -18.11 -2.41
C LEU A 174 -22.22 -18.78 -1.09
N ILE A 175 -21.03 -18.44 -0.60
CA ILE A 175 -20.48 -18.91 0.69
C ILE A 175 -21.44 -18.65 1.84
N SER A 176 -22.06 -17.46 1.83
CA SER A 176 -23.00 -17.05 2.86
C SER A 176 -24.30 -17.88 2.88
N ARG A 177 -24.58 -18.57 1.78
CA ARG A 177 -25.80 -19.35 1.67
C ARG A 177 -25.55 -20.80 2.07
N MET A 178 -24.29 -21.11 2.40
CA MET A 178 -23.90 -22.49 2.70
C MET A 178 -23.58 -22.72 4.18
N GLU A 179 -23.55 -23.99 4.58
CA GLU A 179 -23.10 -24.37 5.92
C GLU A 179 -21.64 -23.98 6.11
N LEU A 180 -21.25 -23.76 7.37
CA LEU A 180 -19.87 -23.42 7.70
C LEU A 180 -18.92 -24.57 7.27
N PRO A 181 -17.63 -24.25 7.06
CA PRO A 181 -16.74 -25.37 6.71
C PRO A 181 -16.74 -26.45 7.80
N LYS A 182 -16.52 -27.71 7.41
CA LYS A 182 -16.41 -28.79 8.38
C LYS A 182 -15.25 -28.49 9.34
N LYS A 183 -15.44 -28.87 10.59
CA LYS A 183 -14.40 -28.75 11.60
C LYS A 183 -13.31 -29.79 11.31
N PRO A 184 -12.09 -29.55 11.82
CA PRO A 184 -11.01 -30.52 11.57
C PRO A 184 -11.33 -31.89 12.18
N ALA A 185 -11.14 -32.95 11.42
CA ALA A 185 -11.42 -34.30 11.93
C ALA A 185 -10.43 -34.68 13.02
N VAL A 186 -10.87 -35.59 13.89
CA VAL A 186 -10.03 -36.10 14.95
C VAL A 186 -8.85 -36.89 14.36
N ALA A 187 -7.65 -36.66 14.89
CA ALA A 187 -6.47 -37.32 14.36
C ALA A 187 -6.46 -38.79 14.77
N VAL A 188 -5.88 -39.64 13.93
CA VAL A 188 -5.74 -41.06 14.25
C VAL A 188 -5.00 -41.24 15.57
N SER A 189 -5.46 -42.19 16.38
CA SER A 189 -4.95 -42.36 17.73
C SER A 189 -3.83 -43.39 17.85
N SER A 190 -3.01 -43.23 18.89
CA SER A 190 -1.82 -44.05 19.09
C SER A 190 -2.13 -45.55 19.11
N GLN A 191 -3.33 -45.90 19.54
CA GLN A 191 -3.73 -47.31 19.64
C GLN A 191 -4.51 -47.82 18.42
N GLN A 192 -5.18 -46.92 17.70
CA GLN A 192 -5.89 -47.33 16.49
C GLN A 192 -4.91 -47.77 15.41
N MET A 193 -3.70 -47.21 15.44
CA MET A 193 -2.63 -47.62 14.52
C MET A 193 -1.92 -48.89 14.98
N GLU A 194 -2.45 -49.53 16.02
CA GLU A 194 -1.89 -50.79 16.51
C GLU A 194 -2.68 -51.98 15.99
N SER A 195 -4.00 -51.81 15.88
CA SER A 195 -4.89 -52.88 15.44
C SER A 195 -4.69 -53.24 13.97
N CYS A 196 -3.87 -52.47 13.28
CA CYS A 196 -3.61 -52.72 11.86
C CYS A 196 -2.25 -52.19 11.44
N ARG A 197 -1.26 -52.41 12.30
CA ARG A 197 0.13 -52.13 11.96
C ARG A 197 0.48 -52.85 10.68
N ALA A 198 1.26 -52.20 9.83
CA ALA A 198 1.84 -52.88 8.69
C ALA A 198 3.03 -53.67 9.22
N GLU A 199 3.51 -54.63 8.42
CA GLU A 199 4.67 -55.40 8.80
C GLU A 199 5.92 -54.78 8.20
N ILE A 200 6.73 -54.15 9.05
CA ILE A 200 7.94 -53.47 8.59
C ILE A 200 9.10 -54.45 8.38
N GLN A 201 9.67 -54.43 7.17
CA GLN A 201 10.70 -55.38 6.77
C GLN A 201 12.07 -55.08 7.37
N GLU A 202 12.14 -55.08 8.70
CA GLU A 202 13.40 -54.88 9.41
C GLU A 202 14.10 -53.60 8.99
N ASN A 203 15.35 -53.73 8.51
CA ASN A 203 16.09 -52.61 7.98
C ASN A 203 16.07 -52.59 6.45
N HIS A 204 15.20 -53.41 5.87
CA HIS A 204 15.04 -53.46 4.42
C HIS A 204 14.01 -52.43 3.92
N ASP A 205 13.23 -51.86 4.84
CA ASP A 205 12.18 -50.88 4.49
C ASP A 205 12.78 -49.62 3.85
N ASP A 206 14.09 -49.49 3.90
CA ASP A 206 14.75 -48.37 3.24
C ASP A 206 14.77 -48.50 1.72
N THR A 207 14.13 -49.56 1.20
CA THR A 207 13.75 -49.64 -0.21
C THR A 207 12.46 -48.85 -0.41
N TYR A 208 11.91 -48.38 0.71
CA TYR A 208 10.75 -47.52 0.71
C TYR A 208 11.10 -46.23 1.44
N GLY A 209 12.41 -46.05 1.69
CA GLY A 209 12.91 -44.86 2.38
C GLY A 209 12.70 -43.61 1.56
N VAL A 210 12.70 -42.46 2.23
CA VAL A 210 12.50 -41.18 1.55
C VAL A 210 13.79 -40.78 0.78
N PRO A 211 13.64 -40.52 -0.52
CA PRO A 211 14.77 -40.13 -1.39
C PRO A 211 15.46 -38.85 -0.92
N SER A 212 16.76 -38.76 -1.14
CA SER A 212 17.49 -37.52 -0.91
C SER A 212 17.45 -36.65 -2.18
N LEU A 213 17.90 -35.40 -2.06
CA LEU A 213 17.98 -34.52 -3.22
C LEU A 213 18.95 -35.05 -4.29
N GLU A 214 20.06 -35.61 -3.83
CA GLU A 214 21.04 -36.20 -4.74
C GLU A 214 20.42 -37.34 -5.54
N GLU A 215 19.57 -38.12 -4.88
CA GLU A 215 18.81 -39.19 -5.53
C GLU A 215 17.91 -38.62 -6.64
N LEU A 216 17.29 -37.47 -6.37
CA LEU A 216 16.39 -36.84 -7.33
C LEU A 216 17.13 -36.03 -8.39
N GLY A 217 18.45 -36.10 -8.38
CA GLY A 217 19.25 -35.47 -9.42
C GLY A 217 19.51 -34.00 -9.22
N PHE A 218 19.54 -33.55 -7.97
CA PHE A 218 19.89 -32.17 -7.67
C PHE A 218 21.35 -32.08 -7.22
N PRO A 219 22.06 -31.07 -7.72
CA PRO A 219 23.39 -30.72 -7.20
C PRO A 219 23.19 -30.07 -5.84
N THR A 220 24.01 -30.42 -4.86
CA THR A 220 23.79 -29.95 -3.49
C THR A 220 25.07 -29.48 -2.79
N GLU A 221 26.05 -29.01 -3.57
CA GLU A 221 27.36 -28.61 -3.04
C GLU A 221 27.31 -27.75 -1.76
N GLY A 222 26.92 -26.50 -1.88
CA GLY A 222 26.99 -25.61 -0.73
C GLY A 222 25.63 -25.20 -0.21
N LEU A 223 24.69 -26.14 -0.21
CA LEU A 223 23.28 -25.84 0.08
C LEU A 223 23.05 -25.06 1.36
N GLY A 224 23.08 -25.75 2.50
CA GLY A 224 22.78 -25.11 3.76
C GLY A 224 21.33 -25.28 4.20
N PRO A 225 21.04 -24.92 5.47
CA PRO A 225 19.74 -25.14 6.09
C PRO A 225 18.58 -24.51 5.32
N ALA A 226 17.43 -25.18 5.30
CA ALA A 226 16.23 -24.62 4.69
C ALA A 226 15.75 -23.46 5.55
N VAL A 227 15.35 -22.37 4.91
CA VAL A 227 14.74 -21.27 5.62
C VAL A 227 13.32 -21.71 6.02
N TRP A 228 12.68 -22.49 5.16
CA TRP A 228 11.35 -23.04 5.41
C TRP A 228 11.42 -24.56 5.49
N GLN A 229 11.41 -25.10 6.72
CA GLN A 229 11.51 -26.55 6.90
C GLN A 229 10.15 -27.21 6.56
N GLY A 230 10.17 -28.27 5.77
CA GLY A 230 8.94 -28.94 5.38
C GLY A 230 8.27 -29.66 6.53
N GLY A 231 7.02 -30.05 6.32
CA GLY A 231 6.38 -31.00 7.21
C GLY A 231 5.29 -30.55 8.16
N GLU A 232 4.47 -31.53 8.54
CA GLU A 232 3.37 -31.31 9.49
C GLU A 232 3.77 -30.73 10.85
N THR A 233 4.86 -31.24 11.42
CA THR A 233 5.32 -30.82 12.76
C THR A 233 5.67 -29.34 12.76
N GLU A 234 6.42 -28.93 11.74
CA GLU A 234 6.77 -27.53 11.53
C GLU A 234 5.52 -26.66 11.33
N ALA A 235 4.59 -27.12 10.48
CA ALA A 235 3.32 -26.43 10.24
C ALA A 235 2.57 -26.14 11.52
N LEU A 236 2.39 -27.18 12.35
CA LEU A 236 1.66 -27.03 13.61
C LEU A 236 2.40 -26.12 14.59
N ALA A 237 3.73 -26.19 14.63
CA ALA A 237 4.50 -25.30 15.51
C ALA A 237 4.40 -23.85 15.01
N ARG A 238 4.53 -23.65 13.71
CA ARG A 238 4.35 -22.31 13.15
C ARG A 238 2.96 -21.70 13.43
N LEU A 239 1.90 -22.46 13.22
CA LEU A 239 0.54 -21.97 13.49
C LEU A 239 0.35 -21.62 14.97
N ASP A 240 0.79 -22.50 15.86
CA ASP A 240 0.77 -22.20 17.29
C ASP A 240 1.55 -20.93 17.66
N LYS A 241 2.72 -20.74 17.06
CA LYS A 241 3.55 -19.57 17.38
C LYS A 241 2.87 -18.26 16.96
N HIS A 242 2.23 -18.27 15.79
CA HIS A 242 1.58 -17.06 15.28
C HIS A 242 0.40 -16.63 16.15
N LEU A 243 -0.47 -17.58 16.47
CA LEU A 243 -1.62 -17.29 17.33
C LEU A 243 -1.17 -16.74 18.69
N GLU A 244 -0.93 -15.44 18.70
CA GLU A 244 -0.48 -14.70 19.88
C GLU A 244 -0.70 -13.22 19.61
N ALA A 259 8.84 -2.81 7.01
CA ALA A 259 10.10 -3.03 6.31
C ALA A 259 10.55 -4.47 6.45
N ASN A 260 10.55 -4.97 7.68
CA ASN A 260 10.96 -6.34 7.98
C ASN A 260 9.88 -7.35 7.63
N SER A 261 8.74 -6.86 7.15
CA SER A 261 7.66 -7.72 6.73
C SER A 261 8.00 -8.42 5.42
N LEU A 262 8.95 -7.85 4.68
CA LEU A 262 9.44 -8.46 3.44
C LEU A 262 10.20 -9.76 3.71
N LEU A 263 10.79 -9.85 4.90
CA LEU A 263 11.63 -10.98 5.26
C LEU A 263 10.83 -12.20 5.71
N ALA A 264 11.39 -13.38 5.49
CA ALA A 264 10.71 -14.64 5.80
C ALA A 264 10.39 -14.77 7.30
N SER A 265 9.10 -14.73 7.62
CA SER A 265 8.65 -14.81 9.01
C SER A 265 8.67 -16.26 9.51
N PRO A 266 8.83 -16.44 10.83
CA PRO A 266 8.62 -17.74 11.46
C PRO A 266 7.13 -18.10 11.59
N THR A 267 6.27 -17.45 10.80
CA THR A 267 4.82 -17.70 10.81
C THR A 267 4.17 -17.68 9.41
N GLY A 268 4.91 -18.07 8.38
CA GLY A 268 4.34 -18.15 7.04
C GLY A 268 3.79 -19.53 6.78
N LEU A 269 2.50 -19.65 6.52
CA LEU A 269 1.86 -20.96 6.47
C LEU A 269 1.54 -21.43 5.06
N SER A 270 1.70 -20.55 4.08
CA SER A 270 1.36 -20.90 2.70
C SER A 270 1.99 -22.19 2.17
N PRO A 271 3.29 -22.42 2.44
CA PRO A 271 3.85 -23.66 1.86
C PRO A 271 3.25 -24.90 2.53
N TYR A 272 2.93 -24.76 3.80
CA TYR A 272 2.31 -25.82 4.59
C TYR A 272 0.88 -26.12 4.14
N LEU A 273 0.13 -25.07 3.85
CA LEU A 273 -1.23 -25.21 3.34
C LEU A 273 -1.21 -25.85 1.96
N ARG A 274 -0.24 -25.45 1.14
CA ARG A 274 -0.13 -25.94 -0.22
C ARG A 274 0.13 -27.44 -0.30
N PHE A 275 0.97 -27.97 0.60
CA PHE A 275 1.23 -29.41 0.62
C PHE A 275 0.29 -30.17 1.52
N GLY A 276 -0.57 -29.41 2.22
CA GLY A 276 -1.48 -29.98 3.20
C GLY A 276 -0.79 -30.42 4.49
N CYS A 277 0.44 -29.93 4.73
CA CYS A 277 1.09 -30.14 6.04
C CYS A 277 0.23 -29.55 7.13
N LEU A 278 -0.44 -28.45 6.79
CA LEU A 278 -1.40 -27.82 7.69
C LEU A 278 -2.80 -27.88 7.05
N SER A 279 -3.79 -28.35 7.80
CA SER A 279 -5.17 -28.36 7.30
C SER A 279 -5.79 -26.96 7.32
N CYS A 280 -6.44 -26.57 6.21
CA CYS A 280 -7.08 -25.26 6.12
C CYS A 280 -8.23 -25.13 7.11
N ARG A 281 -8.87 -26.26 7.42
CA ARG A 281 -9.99 -26.25 8.36
C ARG A 281 -9.54 -25.99 9.79
N LEU A 282 -8.44 -26.61 10.18
CA LEU A 282 -7.87 -26.38 11.50
C LEU A 282 -7.45 -24.92 11.60
N PHE A 283 -6.78 -24.43 10.57
CA PHE A 283 -6.40 -23.01 10.53
C PHE A 283 -7.62 -22.07 10.71
N TYR A 284 -8.65 -22.29 9.90
CA TYR A 284 -9.92 -21.55 9.99
C TYR A 284 -10.48 -21.48 11.42
N TYR A 285 -10.69 -22.64 12.06
CA TYR A 285 -11.32 -22.65 13.39
C TYR A 285 -10.39 -22.21 14.53
N ARG A 286 -9.09 -22.40 14.36
CA ARG A 286 -8.11 -21.86 15.30
C ARG A 286 -8.09 -20.32 15.28
N LEU A 287 -8.24 -19.75 14.09
CA LEU A 287 -8.46 -18.31 13.97
C LEU A 287 -9.74 -17.88 14.68
N TRP A 288 -10.79 -18.68 14.48
CA TRP A 288 -12.12 -18.45 15.05
C TRP A 288 -11.96 -18.37 16.57
N ASP A 289 -11.25 -19.34 17.14
CA ASP A 289 -11.07 -19.44 18.60
C ASP A 289 -10.29 -18.24 19.12
N LEU A 290 -9.23 -17.88 18.38
CA LEU A 290 -8.42 -16.72 18.70
C LEU A 290 -9.29 -15.49 18.77
N TYR A 291 -10.11 -15.28 17.74
CA TYR A 291 -11.04 -14.15 17.70
C TYR A 291 -11.94 -14.13 18.94
N LYS A 292 -12.52 -15.28 19.26
CA LYS A 292 -13.48 -15.38 20.37
C LYS A 292 -12.84 -15.07 21.71
N LYS A 293 -11.52 -15.23 21.81
CA LYS A 293 -10.80 -14.91 23.06
C LYS A 293 -10.40 -13.44 23.12
N VAL A 294 -10.00 -12.90 21.98
CA VAL A 294 -9.55 -11.52 21.88
C VAL A 294 -10.71 -10.51 21.93
N LYS A 295 -11.82 -10.88 21.30
CA LYS A 295 -12.93 -9.96 21.09
C LYS A 295 -14.17 -10.37 21.89
N ARG A 296 -14.10 -11.51 22.55
CA ARG A 296 -15.18 -12.01 23.42
C ARG A 296 -16.54 -12.04 22.72
N ASN A 297 -17.44 -11.21 23.23
CA ASN A 297 -18.81 -11.11 22.73
C ASN A 297 -18.88 -10.60 21.29
N SER A 298 -18.42 -11.41 20.34
CA SER A 298 -18.42 -11.02 18.94
C SER A 298 -18.32 -12.21 17.98
N THR A 299 -19.02 -12.11 16.85
CA THR A 299 -18.89 -13.05 15.75
C THR A 299 -17.88 -12.42 14.78
N PRO A 300 -16.90 -13.20 14.30
CA PRO A 300 -15.88 -12.61 13.42
C PRO A 300 -16.45 -12.17 12.08
N PRO A 301 -15.86 -11.13 11.48
CA PRO A 301 -16.29 -10.77 10.12
C PRO A 301 -15.74 -11.80 9.11
N LEU A 302 -16.34 -11.87 7.93
CA LEU A 302 -15.80 -12.67 6.84
C LEU A 302 -14.35 -12.30 6.56
N SER A 303 -13.96 -11.07 6.90
CA SER A 303 -12.61 -10.56 6.61
C SER A 303 -11.54 -11.29 7.41
N LEU A 304 -11.90 -11.83 8.57
CA LEU A 304 -10.96 -12.60 9.38
C LEU A 304 -10.41 -13.79 8.54
N PHE A 305 -11.30 -14.37 7.75
CA PHE A 305 -11.00 -15.58 6.98
C PHE A 305 -10.68 -15.26 5.51
N GLY A 306 -10.53 -13.97 5.20
CA GLY A 306 -10.32 -13.53 3.82
C GLY A 306 -9.20 -14.22 3.07
N GLN A 307 -8.05 -14.36 3.71
CA GLN A 307 -6.92 -15.08 3.13
C GLN A 307 -7.25 -16.53 2.67
N LEU A 308 -7.90 -17.30 3.55
CA LEU A 308 -8.34 -18.65 3.19
C LEU A 308 -9.46 -18.62 2.14
N LEU A 309 -10.31 -17.57 2.18
CA LEU A 309 -11.43 -17.46 1.26
C LEU A 309 -10.99 -17.10 -0.17
N TRP A 310 -9.95 -16.29 -0.27
CA TRP A 310 -9.32 -16.00 -1.56
C TRP A 310 -8.77 -17.29 -2.18
N ARG A 311 -8.10 -18.10 -1.37
CA ARG A 311 -7.64 -19.41 -1.82
C ARG A 311 -8.80 -20.26 -2.35
N GLU A 312 -9.88 -20.39 -1.56
CA GLU A 312 -11.07 -21.14 -1.96
C GLU A 312 -11.62 -20.65 -3.29
N PHE A 313 -11.67 -19.33 -3.44
CA PHE A 313 -12.25 -18.67 -4.61
C PHE A 313 -11.54 -19.12 -5.89
N PHE A 314 -10.21 -19.10 -5.85
CA PHE A 314 -9.38 -19.55 -6.98
C PHE A 314 -9.44 -21.08 -7.17
N TYR A 315 -9.55 -21.83 -6.08
CA TYR A 315 -9.77 -23.27 -6.20
C TYR A 315 -11.05 -23.56 -6.98
N THR A 316 -12.11 -22.84 -6.64
CA THR A 316 -13.41 -23.00 -7.26
C THR A 316 -13.40 -22.66 -8.76
N ALA A 317 -12.78 -21.52 -9.11
CA ALA A 317 -12.67 -21.08 -10.49
C ALA A 317 -11.89 -22.08 -11.35
N ALA A 318 -10.88 -22.71 -10.75
CA ALA A 318 -9.94 -23.54 -11.51
C ALA A 318 -10.42 -24.98 -11.80
N THR A 319 -11.27 -25.51 -10.94
CA THR A 319 -11.46 -26.95 -10.91
C THR A 319 -12.09 -27.53 -12.20
N ASN A 320 -12.98 -26.78 -12.84
CA ASN A 320 -13.59 -27.23 -14.09
C ASN A 320 -12.95 -26.58 -15.33
N ASN A 321 -11.71 -26.11 -15.20
CA ASN A 321 -11.05 -25.40 -16.30
C ASN A 321 -9.67 -25.98 -16.61
N PRO A 322 -9.61 -26.94 -17.54
CA PRO A 322 -8.34 -27.56 -17.90
C PRO A 322 -7.34 -26.58 -18.51
N ARG A 323 -7.80 -25.42 -18.95
CA ARG A 323 -6.89 -24.44 -19.53
C ARG A 323 -6.66 -23.25 -18.59
N PHE A 324 -6.93 -23.45 -17.30
CA PHE A 324 -6.93 -22.37 -16.34
C PHE A 324 -5.63 -21.55 -16.33
N ASP A 325 -4.51 -22.21 -16.59
CA ASP A 325 -3.25 -21.52 -16.56
C ASP A 325 -2.81 -21.10 -17.96
N ARG A 326 -3.75 -21.03 -18.90
CA ARG A 326 -3.41 -20.54 -20.24
C ARG A 326 -4.28 -19.34 -20.58
N MET A 327 -3.85 -18.59 -21.59
CA MET A 327 -4.70 -17.56 -22.18
C MET A 327 -5.55 -18.18 -23.28
N GLU A 328 -4.89 -18.76 -24.27
CA GLU A 328 -5.56 -19.35 -25.44
C GLU A 328 -6.43 -20.55 -25.10
N GLY A 329 -7.70 -20.51 -25.51
CA GLY A 329 -8.62 -21.59 -25.19
C GLY A 329 -9.10 -21.60 -23.75
N ASN A 330 -8.80 -20.53 -23.00
CA ASN A 330 -9.29 -20.37 -21.63
C ASN A 330 -10.57 -19.54 -21.65
N PRO A 331 -11.72 -20.17 -21.32
CA PRO A 331 -13.04 -19.53 -21.44
C PRO A 331 -13.23 -18.30 -20.55
N ILE A 332 -12.41 -18.10 -19.51
CA ILE A 332 -12.63 -16.93 -18.65
C ILE A 332 -11.60 -15.83 -18.89
N CYS A 333 -10.61 -16.11 -19.72
CA CYS A 333 -9.51 -15.18 -19.91
C CYS A 333 -9.65 -14.27 -21.14
N ILE A 334 -9.49 -12.97 -20.93
CA ILE A 334 -9.43 -12.04 -22.05
C ILE A 334 -8.18 -12.28 -22.90
N GLN A 335 -8.38 -12.36 -24.22
CA GLN A 335 -7.27 -12.59 -25.15
C GLN A 335 -6.49 -11.29 -25.36
N ILE A 336 -5.26 -11.25 -24.88
CA ILE A 336 -4.48 -10.02 -24.90
C ILE A 336 -3.18 -10.19 -25.69
N PRO A 337 -2.91 -9.26 -26.62
CA PRO A 337 -1.71 -9.39 -27.46
C PRO A 337 -0.46 -9.03 -26.67
N TRP A 338 -0.03 -9.90 -25.77
CA TRP A 338 1.20 -9.65 -25.02
C TRP A 338 2.43 -9.68 -25.93
N ASP A 339 3.43 -8.86 -25.62
CA ASP A 339 4.69 -8.90 -26.36
C ASP A 339 5.39 -10.24 -26.16
N ARG A 340 6.01 -10.75 -27.21
CA ARG A 340 6.89 -11.89 -27.07
C ARG A 340 8.32 -11.39 -27.00
N ASN A 341 8.87 -11.46 -25.81
CA ASN A 341 10.11 -10.78 -25.54
C ASN A 341 10.91 -11.67 -24.59
N PRO A 342 11.45 -12.79 -25.12
CA PRO A 342 12.10 -13.81 -24.28
C PRO A 342 13.22 -13.21 -23.44
N GLU A 343 13.93 -12.26 -24.05
CA GLU A 343 14.99 -11.51 -23.40
C GLU A 343 14.53 -10.73 -22.17
N ALA A 344 13.43 -10.00 -22.31
CA ALA A 344 12.87 -9.27 -21.16
C ALA A 344 12.45 -10.23 -20.09
N LEU A 345 11.84 -11.34 -20.51
CA LEU A 345 11.34 -12.35 -19.56
C LEU A 345 12.49 -12.93 -18.73
N ALA A 346 13.59 -13.29 -19.40
CA ALA A 346 14.77 -13.81 -18.74
C ALA A 346 15.36 -12.81 -17.73
N LYS A 347 15.45 -11.54 -18.12
CA LYS A 347 15.92 -10.50 -17.19
C LYS A 347 15.05 -10.39 -15.96
N TRP A 348 13.73 -10.47 -16.16
CA TRP A 348 12.79 -10.39 -15.06
C TRP A 348 12.99 -11.61 -14.17
N ALA A 349 13.08 -12.79 -14.79
CA ALA A 349 13.18 -14.03 -14.06
C ALA A 349 14.47 -14.07 -13.28
N GLU A 350 15.54 -13.53 -13.88
CA GLU A 350 16.86 -13.58 -13.28
C GLU A 350 17.20 -12.42 -12.34
N GLY A 351 16.26 -11.50 -12.16
CA GLY A 351 16.54 -10.36 -11.33
C GLY A 351 17.56 -9.42 -11.95
N LYS A 352 17.49 -9.26 -13.27
CA LYS A 352 18.38 -8.36 -13.98
C LYS A 352 17.61 -7.26 -14.70
N THR A 353 16.51 -6.81 -14.11
CA THR A 353 15.83 -5.66 -14.69
C THR A 353 16.70 -4.52 -14.20
N GLY A 354 16.39 -3.29 -14.49
CA GLY A 354 17.28 -2.33 -13.86
C GLY A 354 16.81 -1.79 -12.52
N PHE A 355 15.82 -2.45 -11.91
CA PHE A 355 15.09 -1.89 -10.81
C PHE A 355 15.36 -2.68 -9.54
N PRO A 356 16.15 -2.09 -8.63
CA PRO A 356 16.60 -2.85 -7.46
C PRO A 356 15.46 -3.51 -6.66
N TRP A 357 14.34 -2.82 -6.50
CA TRP A 357 13.16 -3.36 -5.81
C TRP A 357 12.69 -4.62 -6.51
N ILE A 358 12.57 -4.53 -7.83
CA ILE A 358 12.13 -5.68 -8.62
C ILE A 358 13.16 -6.78 -8.52
N ASP A 359 14.42 -6.41 -8.72
CA ASP A 359 15.48 -7.42 -8.73
C ASP A 359 15.70 -8.07 -7.38
N ALA A 360 15.53 -7.33 -6.28
CA ALA A 360 15.73 -7.90 -4.94
C ALA A 360 14.65 -8.92 -4.65
N ILE A 361 13.41 -8.58 -5.01
CA ILE A 361 12.31 -9.53 -4.90
C ILE A 361 12.58 -10.84 -5.66
N MET A 362 12.93 -10.73 -6.95
CA MET A 362 13.16 -11.92 -7.77
C MET A 362 14.33 -12.74 -7.22
N THR A 363 15.27 -12.07 -6.58
CA THR A 363 16.41 -12.75 -5.98
C THR A 363 16.00 -13.54 -4.72
N GLN A 364 15.24 -12.91 -3.83
CA GLN A 364 14.77 -13.60 -2.63
C GLN A 364 13.90 -14.78 -3.06
N LEU A 365 13.06 -14.57 -4.07
CA LEU A 365 12.22 -15.65 -4.62
C LEU A 365 13.06 -16.84 -5.06
N ARG A 366 14.13 -16.55 -5.81
CA ARG A 366 14.91 -17.63 -6.37
C ARG A 366 15.66 -18.31 -5.25
N GLN A 367 16.20 -17.53 -4.32
CA GLN A 367 17.02 -18.09 -3.26
C GLN A 367 16.22 -18.86 -2.21
N GLU A 368 15.08 -18.30 -1.77
CA GLU A 368 14.37 -18.83 -0.60
C GLU A 368 13.04 -19.49 -0.92
N GLY A 369 12.40 -19.07 -2.01
CA GLY A 369 11.17 -19.71 -2.44
C GLY A 369 9.87 -19.16 -1.87
N TRP A 370 9.96 -18.04 -1.17
CA TRP A 370 8.79 -17.33 -0.65
C TRP A 370 9.08 -15.85 -0.70
N ILE A 371 8.09 -15.08 -1.12
CA ILE A 371 8.11 -13.63 -1.06
C ILE A 371 6.73 -13.16 -0.64
N HIS A 372 6.71 -11.96 -0.06
CA HIS A 372 5.50 -11.32 0.46
C HIS A 372 4.48 -11.09 -0.64
N HIS A 373 3.22 -11.20 -0.29
CA HIS A 373 2.09 -10.96 -1.17
C HIS A 373 2.26 -9.66 -1.99
N LEU A 374 2.72 -8.59 -1.35
CA LEU A 374 2.82 -7.28 -2.01
C LEU A 374 4.00 -7.24 -2.95
N ALA A 375 5.03 -8.00 -2.60
CA ALA A 375 6.17 -8.23 -3.47
C ALA A 375 5.80 -9.05 -4.72
N ARG A 376 4.97 -10.07 -4.54
CA ARG A 376 4.39 -10.83 -5.67
C ARG A 376 3.58 -9.90 -6.61
N HIS A 377 2.67 -9.12 -6.04
CA HIS A 377 1.98 -8.11 -6.83
C HIS A 377 2.94 -7.15 -7.56
N ALA A 378 3.99 -6.72 -6.87
CA ALA A 378 4.94 -5.76 -7.48
C ALA A 378 5.64 -6.35 -8.71
N VAL A 379 6.23 -7.53 -8.57
CA VAL A 379 6.91 -8.14 -9.71
C VAL A 379 5.98 -8.60 -10.84
N ALA A 380 4.76 -8.99 -10.49
CA ALA A 380 3.81 -9.51 -11.45
C ALA A 380 3.26 -8.35 -12.27
N CYS A 381 2.98 -7.24 -11.60
CA CYS A 381 2.57 -6.03 -12.27
C CYS A 381 3.69 -5.59 -13.23
N PHE A 382 4.96 -5.66 -12.78
CA PHE A 382 6.07 -5.19 -13.62
C PHE A 382 6.15 -5.99 -14.93
N LEU A 383 6.01 -7.32 -14.82
CA LEU A 383 6.12 -8.21 -15.95
C LEU A 383 4.98 -8.00 -16.96
N THR A 384 3.80 -7.74 -16.44
CA THR A 384 2.60 -7.68 -17.28
C THR A 384 2.21 -6.24 -17.61
N ARG A 385 1.13 -5.76 -17.03
CA ARG A 385 0.52 -4.55 -17.54
C ARG A 385 1.21 -3.26 -17.09
N GLY A 386 2.06 -3.35 -16.07
CA GLY A 386 2.74 -2.17 -15.60
C GLY A 386 3.93 -1.78 -16.46
N ASP A 387 4.70 -2.76 -16.92
CA ASP A 387 5.93 -2.46 -17.65
C ASP A 387 6.22 -3.34 -18.88
N LEU A 388 6.59 -4.61 -18.66
CA LEU A 388 7.14 -5.41 -19.76
C LEU A 388 6.13 -5.88 -20.78
N TRP A 389 4.85 -5.89 -20.40
CA TRP A 389 3.78 -6.32 -21.30
C TRP A 389 3.95 -7.77 -21.77
N VAL A 390 4.49 -8.60 -20.90
CA VAL A 390 4.71 -10.01 -21.19
C VAL A 390 3.54 -10.76 -20.58
N SER A 391 3.12 -11.83 -21.24
CA SER A 391 2.01 -12.63 -20.78
C SER A 391 2.12 -13.09 -19.32
N TRP A 392 0.99 -13.04 -18.61
CA TRP A 392 0.87 -13.54 -17.24
C TRP A 392 1.20 -15.04 -17.16
N GLU A 393 1.01 -15.74 -18.27
CA GLU A 393 1.35 -17.15 -18.33
C GLU A 393 2.83 -17.42 -18.08
N SER A 394 3.71 -16.52 -18.54
CA SER A 394 5.13 -16.72 -18.33
C SER A 394 5.46 -16.48 -16.85
N GLY A 395 4.70 -15.58 -16.24
CA GLY A 395 4.86 -15.31 -14.84
C GLY A 395 4.47 -16.51 -14.00
N VAL A 396 3.36 -17.14 -14.34
CA VAL A 396 2.87 -18.32 -13.63
C VAL A 396 3.95 -19.41 -13.63
N ARG A 397 4.57 -19.63 -14.79
CA ARG A 397 5.56 -20.68 -14.93
C ARG A 397 6.81 -20.40 -14.06
N VAL A 398 7.27 -19.15 -14.04
CA VAL A 398 8.41 -18.81 -13.19
C VAL A 398 8.09 -18.99 -11.70
N PHE A 399 6.92 -18.48 -11.27
CA PHE A 399 6.46 -18.70 -9.89
C PHE A 399 6.31 -20.18 -9.55
N ASP A 400 5.75 -20.96 -10.48
CA ASP A 400 5.63 -22.41 -10.27
C ASP A 400 6.97 -23.11 -10.02
N GLU A 401 8.02 -22.63 -10.70
CA GLU A 401 9.34 -23.21 -10.57
C GLU A 401 10.03 -22.83 -9.27
N LEU A 402 9.70 -21.67 -8.73
CA LEU A 402 10.48 -21.10 -7.63
C LEU A 402 9.77 -21.04 -6.25
N LEU A 403 8.45 -20.95 -6.28
CA LEU A 403 7.68 -20.78 -5.03
C LEU A 403 7.49 -22.08 -4.27
N LEU A 404 7.74 -22.03 -2.95
CA LEU A 404 7.46 -23.20 -2.12
C LEU A 404 5.98 -23.52 -2.11
N ASP A 405 5.16 -22.47 -2.19
CA ASP A 405 3.70 -22.63 -2.11
C ASP A 405 3.02 -22.64 -3.50
N ALA A 406 3.81 -22.86 -4.55
CA ALA A 406 3.29 -22.88 -5.92
C ALA A 406 2.02 -23.73 -6.03
N ASP A 407 0.93 -23.06 -6.33
CA ASP A 407 -0.39 -23.68 -6.29
C ASP A 407 -1.08 -23.43 -7.62
N PHE A 408 -1.32 -24.48 -8.41
CA PHE A 408 -1.95 -24.35 -9.72
C PHE A 408 -3.13 -23.36 -9.73
N SER A 409 -4.04 -23.53 -8.77
CA SER A 409 -5.26 -22.72 -8.72
C SER A 409 -4.95 -21.27 -8.35
N VAL A 410 -4.28 -21.09 -7.21
CA VAL A 410 -4.07 -19.76 -6.67
C VAL A 410 -3.10 -18.95 -7.56
N ASN A 411 -2.03 -19.60 -8.00
CA ASN A 411 -1.01 -18.96 -8.79
C ASN A 411 -1.57 -18.43 -10.12
N ALA A 412 -2.20 -19.31 -10.90
CA ALA A 412 -2.77 -18.87 -12.17
C ALA A 412 -3.90 -17.87 -11.97
N GLY A 413 -4.77 -18.13 -11.00
CA GLY A 413 -5.85 -17.20 -10.69
C GLY A 413 -5.31 -15.80 -10.35
N SER A 414 -4.29 -15.76 -9.49
CA SER A 414 -3.70 -14.47 -9.06
C SER A 414 -3.15 -13.72 -10.23
N TRP A 415 -2.39 -14.42 -11.07
CA TRP A 415 -1.80 -13.79 -12.24
C TRP A 415 -2.84 -13.27 -13.24
N MET A 416 -3.90 -14.02 -13.46
CA MET A 416 -4.99 -13.57 -14.34
C MET A 416 -5.69 -12.31 -13.78
N TRP A 417 -5.95 -12.34 -12.49
CA TRP A 417 -6.64 -11.25 -11.81
C TRP A 417 -5.82 -9.96 -11.94
N LEU A 418 -4.56 -10.01 -11.51
CA LEU A 418 -3.76 -8.78 -11.41
C LEU A 418 -3.40 -8.22 -12.78
N SER A 419 -3.27 -9.10 -13.77
CA SER A 419 -2.97 -8.67 -15.14
C SER A 419 -4.23 -8.19 -15.85
N CYS A 420 -5.32 -8.10 -15.11
CA CYS A 420 -6.61 -7.71 -15.64
C CYS A 420 -7.04 -8.59 -16.82
N SER A 421 -6.77 -9.89 -16.71
CA SER A 421 -7.07 -10.85 -17.79
C SER A 421 -8.37 -11.64 -17.57
N ALA A 422 -8.83 -11.67 -16.32
CA ALA A 422 -10.04 -12.40 -15.97
C ALA A 422 -10.65 -11.77 -14.74
N PHE A 423 -11.84 -12.26 -14.37
CA PHE A 423 -12.53 -11.89 -13.13
C PHE A 423 -13.10 -10.49 -13.15
N PHE A 424 -13.44 -10.03 -14.37
CA PHE A 424 -13.98 -8.71 -14.63
C PHE A 424 -13.17 -7.59 -13.97
N GLN A 425 -11.86 -7.75 -13.92
CA GLN A 425 -11.02 -6.75 -13.26
C GLN A 425 -10.86 -5.41 -14.00
N GLN A 426 -10.29 -5.43 -15.21
CA GLN A 426 -10.24 -4.24 -16.10
C GLN A 426 -9.18 -3.18 -15.74
N PHE A 427 -9.21 -2.68 -14.50
CA PHE A 427 -8.09 -1.90 -13.97
C PHE A 427 -7.64 -2.45 -12.62
N PHE A 428 -6.44 -2.08 -12.18
CA PHE A 428 -5.89 -2.65 -10.96
C PHE A 428 -4.89 -1.73 -10.23
N HIS A 429 -4.43 -2.20 -9.08
CA HIS A 429 -3.44 -1.52 -8.25
C HIS A 429 -2.19 -1.13 -9.04
N CYS A 430 -1.78 0.12 -8.93
CA CYS A 430 -0.62 0.58 -9.68
C CYS A 430 0.63 0.59 -8.79
N TYR A 431 1.63 -0.20 -9.18
CA TYR A 431 2.87 -0.28 -8.43
C TYR A 431 4.02 0.34 -9.22
N CYS A 432 4.65 1.35 -8.64
CA CYS A 432 5.86 1.94 -9.20
C CYS A 432 7.02 1.05 -8.81
N PRO A 433 7.80 0.60 -9.82
CA PRO A 433 8.95 -0.26 -9.51
C PRO A 433 10.05 0.48 -8.71
N VAL A 434 9.91 1.79 -8.51
CA VAL A 434 10.76 2.54 -7.58
C VAL A 434 10.01 2.90 -6.29
N GLY A 435 8.90 3.62 -6.47
CA GLY A 435 8.14 4.18 -5.37
C GLY A 435 7.65 3.15 -4.36
N PHE A 436 7.22 1.99 -4.86
CA PHE A 436 6.61 1.00 -3.98
C PHE A 436 7.64 0.40 -3.01
N GLY A 437 8.86 0.17 -3.47
CA GLY A 437 9.94 -0.25 -2.57
C GLY A 437 10.36 0.83 -1.57
N ARG A 438 10.52 2.05 -2.08
CA ARG A 438 10.79 3.22 -1.25
C ARG A 438 9.76 3.35 -0.11
N ARG A 439 8.48 3.21 -0.45
CA ARG A 439 7.41 3.29 0.52
C ARG A 439 7.34 2.10 1.50
N THR A 440 7.72 0.90 1.06
CA THR A 440 7.64 -0.27 1.93
C THR A 440 8.83 -0.35 2.87
N ASP A 441 10.02 -0.05 2.36
CA ASP A 441 11.24 -0.07 3.16
C ASP A 441 12.14 1.12 2.82
N PRO A 442 11.87 2.27 3.46
CA PRO A 442 12.63 3.50 3.19
C PRO A 442 14.11 3.37 3.52
N SER A 443 14.47 2.49 4.45
CA SER A 443 15.88 2.32 4.84
C SER A 443 16.71 1.74 3.69
N GLY A 444 16.05 0.98 2.83
CA GLY A 444 16.70 0.28 1.74
C GLY A 444 17.41 -0.98 2.17
N ASP A 445 17.31 -1.35 3.45
CA ASP A 445 18.03 -2.52 3.95
C ASP A 445 17.67 -3.83 3.23
N TYR A 446 16.40 -4.00 2.87
CA TYR A 446 15.96 -5.13 2.04
C TYR A 446 16.80 -5.29 0.76
N ILE A 447 16.99 -4.20 0.02
CA ILE A 447 17.83 -4.24 -1.19
C ILE A 447 19.27 -4.60 -0.85
N ARG A 448 19.81 -3.95 0.18
CA ARG A 448 21.17 -4.23 0.61
C ARG A 448 21.36 -5.72 0.94
N ARG A 449 20.31 -6.36 1.45
CA ARG A 449 20.36 -7.79 1.79
C ARG A 449 20.41 -8.64 0.54
N TYR A 450 19.52 -8.39 -0.41
CA TYR A 450 19.40 -9.27 -1.56
C TYR A 450 20.30 -8.89 -2.73
N LEU A 451 20.68 -7.61 -2.78
CA LEU A 451 21.60 -7.13 -3.80
C LEU A 451 22.80 -6.46 -3.14
N PRO A 452 23.75 -7.27 -2.62
CA PRO A 452 24.83 -6.66 -1.86
C PRO A 452 25.74 -5.77 -2.73
N LYS A 453 25.67 -5.90 -4.05
CA LYS A 453 26.46 -5.02 -4.93
C LYS A 453 26.02 -3.58 -4.77
N LEU A 454 24.77 -3.39 -4.32
CA LEU A 454 24.20 -2.06 -4.17
C LEU A 454 24.32 -1.52 -2.74
N LYS A 455 24.98 -2.28 -1.86
CA LYS A 455 25.22 -1.93 -0.45
C LYS A 455 25.52 -0.43 -0.24
N GLY A 456 26.43 0.09 -1.06
CA GLY A 456 27.03 1.40 -0.83
C GLY A 456 26.15 2.61 -1.06
N PHE A 457 25.13 2.48 -1.89
CA PHE A 457 24.25 3.61 -2.20
C PHE A 457 23.50 4.13 -0.97
N PRO A 458 23.38 5.45 -0.83
CA PRO A 458 22.51 6.03 0.20
C PRO A 458 21.05 5.72 -0.10
N SER A 459 20.21 5.82 0.92
CA SER A 459 18.79 5.48 0.83
C SER A 459 18.08 6.26 -0.27
N ARG A 460 18.48 7.51 -0.46
CA ARG A 460 17.81 8.37 -1.42
C ARG A 460 18.09 7.97 -2.87
N TYR A 461 18.98 7.00 -3.06
CA TYR A 461 19.38 6.57 -4.40
C TYR A 461 19.20 5.10 -4.67
N ILE A 462 19.19 4.30 -3.60
CA ILE A 462 19.29 2.86 -3.71
C ILE A 462 18.13 2.21 -4.48
N TYR A 463 16.97 2.85 -4.50
CA TYR A 463 15.83 2.36 -5.30
C TYR A 463 15.88 2.83 -6.77
N GLU A 464 16.77 3.76 -7.06
CA GLU A 464 16.91 4.25 -8.42
C GLU A 464 18.34 4.70 -8.65
N PRO A 465 19.29 3.76 -8.62
CA PRO A 465 20.71 4.13 -8.65
C PRO A 465 21.16 4.83 -9.94
N TRP A 466 20.42 4.67 -11.04
CA TRP A 466 20.73 5.38 -12.29
C TRP A 466 20.68 6.91 -12.10
N ASN A 467 19.96 7.38 -11.08
CA ASN A 467 19.87 8.81 -10.76
C ASN A 467 20.95 9.30 -9.78
N ALA A 468 21.76 8.39 -9.24
CA ALA A 468 22.91 8.80 -8.42
C ALA A 468 23.97 9.43 -9.31
N PRO A 469 24.59 10.54 -8.84
CA PRO A 469 25.77 11.09 -9.55
C PRO A 469 26.87 10.06 -9.70
N GLU A 470 27.67 10.19 -10.75
CA GLU A 470 28.86 9.35 -10.99
C GLU A 470 29.74 9.21 -9.74
N SER A 471 29.97 10.33 -9.05
CA SER A 471 30.72 10.35 -7.80
C SER A 471 30.11 9.42 -6.73
N VAL A 472 28.81 9.56 -6.51
CA VAL A 472 28.07 8.69 -5.59
C VAL A 472 28.18 7.21 -6.03
N GLN A 473 28.06 6.96 -7.33
CA GLN A 473 28.23 5.63 -7.89
C GLN A 473 29.62 5.07 -7.60
N LYS A 474 30.63 5.89 -7.81
CA LYS A 474 32.00 5.44 -7.57
C LYS A 474 32.24 5.17 -6.09
N ALA A 475 31.76 6.05 -5.22
CA ALA A 475 31.91 5.86 -3.78
C ALA A 475 31.16 4.59 -3.30
N ALA A 476 30.07 4.26 -3.96
CA ALA A 476 29.34 3.02 -3.65
C ALA A 476 30.02 1.80 -4.26
N LYS A 477 31.08 2.02 -5.04
CA LYS A 477 31.79 0.96 -5.76
C LYS A 477 30.84 0.12 -6.61
N CYS A 478 29.94 0.78 -7.32
CA CYS A 478 29.04 0.11 -8.23
C CYS A 478 28.60 1.06 -9.35
N ILE A 479 29.26 0.99 -10.50
CA ILE A 479 28.91 1.82 -11.65
C ILE A 479 27.71 1.23 -12.38
N ILE A 480 26.67 2.04 -12.58
CA ILE A 480 25.45 1.58 -13.26
C ILE A 480 25.72 1.40 -14.76
N GLY A 481 25.27 0.28 -15.31
CA GLY A 481 25.62 -0.10 -16.67
C GLY A 481 26.85 -1.00 -16.72
N VAL A 482 27.54 -1.12 -15.60
CA VAL A 482 28.72 -1.97 -15.52
C VAL A 482 28.58 -3.06 -14.46
N ASP A 483 28.41 -2.65 -13.20
CA ASP A 483 28.35 -3.60 -12.10
C ASP A 483 26.93 -4.02 -11.80
N TYR A 484 26.00 -3.31 -12.44
CA TYR A 484 24.58 -3.53 -12.25
C TYR A 484 23.90 -2.86 -13.46
N PRO A 485 22.92 -3.53 -14.05
CA PRO A 485 22.27 -3.01 -15.27
C PRO A 485 21.48 -1.72 -15.06
N ARG A 486 21.51 -0.87 -16.08
CA ARG A 486 20.58 0.23 -16.28
C ARG A 486 19.14 -0.30 -16.30
N PRO A 487 18.15 0.53 -15.91
CA PRO A 487 16.75 0.09 -15.97
C PRO A 487 16.37 -0.35 -17.40
N ILE A 488 15.66 -1.47 -17.57
CA ILE A 488 15.47 -1.96 -18.93
C ILE A 488 14.31 -1.32 -19.70
N VAL A 489 13.48 -0.55 -18.99
CA VAL A 489 12.48 0.32 -19.60
C VAL A 489 12.44 1.67 -18.86
N ASN A 490 11.91 2.69 -19.52
CA ASN A 490 11.52 3.91 -18.83
C ASN A 490 10.11 3.69 -18.27
N HIS A 491 10.01 3.56 -16.95
CA HIS A 491 8.74 3.25 -16.34
C HIS A 491 7.62 4.26 -16.66
N ALA A 492 7.94 5.54 -16.56
CA ALA A 492 6.97 6.59 -16.75
C ALA A 492 6.27 6.49 -18.11
N GLU A 493 7.05 6.43 -19.20
CA GLU A 493 6.46 6.30 -20.53
C GLU A 493 5.80 4.93 -20.79
N THR A 494 6.43 3.85 -20.36
CA THR A 494 5.92 2.52 -20.64
C THR A 494 4.58 2.25 -19.93
N SER A 495 4.50 2.62 -18.66
CA SER A 495 3.25 2.43 -17.92
C SER A 495 2.13 3.29 -18.54
N ARG A 496 2.52 4.42 -19.12
CA ARG A 496 1.58 5.29 -19.84
C ARG A 496 1.10 4.62 -21.14
N LEU A 497 2.04 4.08 -21.92
CA LEU A 497 1.72 3.29 -23.13
C LEU A 497 0.80 2.11 -22.83
N ASN A 498 1.05 1.43 -21.72
CA ASN A 498 0.31 0.23 -21.39
C ASN A 498 -1.13 0.49 -21.00
N ILE A 499 -1.36 1.57 -20.28
CA ILE A 499 -2.72 1.91 -19.85
C ILE A 499 -3.58 2.21 -21.07
N GLU A 500 -2.97 2.76 -22.13
CA GLU A 500 -3.69 3.02 -23.37
C GLU A 500 -3.93 1.72 -24.14
N ARG A 501 -2.97 0.81 -24.08
CA ARG A 501 -3.13 -0.47 -24.74
C ARG A 501 -4.27 -1.26 -24.10
N MET A 502 -4.27 -1.34 -22.78
CA MET A 502 -5.33 -2.00 -22.02
C MET A 502 -6.67 -1.35 -22.30
N LYS A 503 -6.67 -0.02 -22.36
CA LYS A 503 -7.90 0.72 -22.65
C LYS A 503 -8.45 0.33 -24.02
N GLN A 504 -7.55 0.14 -25.00
CA GLN A 504 -7.96 -0.24 -26.35
C GLN A 504 -8.57 -1.63 -26.38
N ILE A 505 -8.08 -2.51 -25.50
CA ILE A 505 -8.57 -3.89 -25.47
C ILE A 505 -10.00 -4.00 -24.94
N TYR A 506 -10.32 -3.25 -23.89
CA TYR A 506 -11.64 -3.34 -23.29
C TYR A 506 -12.70 -2.53 -24.05
N GLN A 507 -12.25 -1.58 -24.88
CA GLN A 507 -13.16 -0.85 -25.74
C GLN A 507 -13.70 -1.74 -26.84
N GLN A 508 -12.80 -2.40 -27.58
CA GLN A 508 -13.20 -3.31 -28.65
C GLN A 508 -13.91 -4.54 -28.08
N LEU A 509 -13.69 -4.79 -26.79
CA LEU A 509 -14.28 -5.91 -26.10
C LEU A 509 -15.79 -5.73 -25.93
N SER A 510 -16.22 -4.48 -25.93
CA SER A 510 -17.63 -4.17 -25.73
C SER A 510 -18.09 -3.06 -26.66
N ALA B 21 -30.15 20.89 -19.06
CA ALA B 21 -28.87 21.35 -18.53
C ALA B 21 -28.13 20.26 -17.76
N SER B 22 -27.64 19.25 -18.47
CA SER B 22 -26.85 18.16 -17.85
C SER B 22 -25.49 18.63 -17.35
N SER B 23 -25.29 18.60 -16.03
CA SER B 23 -24.11 19.24 -15.46
C SER B 23 -23.12 18.29 -14.75
N VAL B 24 -21.84 18.66 -14.82
CA VAL B 24 -20.79 17.96 -14.08
C VAL B 24 -20.12 18.92 -13.11
N HIS B 25 -20.03 18.49 -11.85
CA HIS B 25 -19.28 19.25 -10.88
C HIS B 25 -17.94 18.57 -10.63
N TRP B 26 -16.87 19.33 -10.85
CA TRP B 26 -15.50 18.85 -10.72
C TRP B 26 -14.94 19.26 -9.34
N PHE B 27 -14.84 18.29 -8.42
CA PHE B 27 -14.16 18.49 -7.14
C PHE B 27 -12.64 18.43 -7.34
N ARG B 28 -11.91 19.40 -6.79
CA ARG B 28 -10.45 19.28 -6.63
C ARG B 28 -10.10 19.63 -5.19
N LYS B 29 -10.15 20.92 -4.87
CA LYS B 29 -10.32 21.35 -3.49
C LYS B 29 -11.85 21.51 -3.35
N GLY B 30 -12.35 22.24 -2.37
CA GLY B 30 -13.81 22.39 -2.27
C GLY B 30 -14.45 21.05 -1.96
N LEU B 31 -13.74 20.22 -1.20
CA LEU B 31 -14.23 18.88 -0.87
C LEU B 31 -15.37 18.85 0.16
N ARG B 32 -16.48 19.52 -0.16
CA ARG B 32 -17.59 19.72 0.76
C ARG B 32 -18.88 20.07 0.02
N LEU B 33 -20.02 19.87 0.68
CA LEU B 33 -21.31 20.26 0.12
C LEU B 33 -21.73 21.64 0.60
N HIS B 34 -21.35 22.01 1.83
CA HIS B 34 -21.66 23.36 2.33
C HIS B 34 -20.83 24.42 1.62
N ASP B 35 -21.34 25.65 1.60
CA ASP B 35 -20.73 26.77 0.87
C ASP B 35 -20.03 26.32 -0.40
N ASN B 36 -20.79 25.69 -1.27
CA ASN B 36 -20.29 25.25 -2.55
C ASN B 36 -21.09 25.94 -3.65
N PRO B 37 -20.75 27.20 -3.95
CA PRO B 37 -21.48 27.96 -4.98
C PRO B 37 -21.28 27.38 -6.37
N ALA B 38 -20.16 26.71 -6.64
CA ALA B 38 -19.99 26.06 -7.94
C ALA B 38 -20.96 24.88 -8.17
N LEU B 39 -21.33 24.22 -7.07
CA LEU B 39 -22.27 23.09 -7.11
C LEU B 39 -23.73 23.56 -7.22
N LEU B 40 -24.04 24.72 -6.65
CA LEU B 40 -25.34 25.34 -6.84
C LEU B 40 -25.54 25.72 -8.29
N ALA B 41 -24.51 26.30 -8.90
CA ALA B 41 -24.56 26.67 -10.32
C ALA B 41 -24.69 25.45 -11.25
N ALA B 42 -24.25 24.28 -10.77
CA ALA B 42 -24.40 23.04 -11.54
C ALA B 42 -25.83 22.49 -11.46
N VAL B 43 -26.34 22.43 -10.24
CA VAL B 43 -27.64 21.82 -9.91
C VAL B 43 -28.83 22.68 -10.38
N ARG B 44 -28.62 23.99 -10.45
CA ARG B 44 -29.66 24.91 -10.86
C ARG B 44 -30.00 24.72 -12.34
N GLY B 45 -31.15 24.11 -12.60
CA GLY B 45 -31.53 23.76 -13.95
C GLY B 45 -32.17 22.38 -13.93
N ALA B 46 -31.87 21.64 -12.87
CA ALA B 46 -32.62 20.44 -12.50
C ALA B 46 -32.51 19.27 -13.48
N ARG B 47 -31.52 19.27 -14.36
CA ARG B 47 -31.47 18.22 -15.36
C ARG B 47 -30.79 16.95 -14.86
N CYS B 48 -29.47 17.00 -14.76
CA CYS B 48 -28.69 15.87 -14.30
C CYS B 48 -27.39 16.41 -13.73
N VAL B 49 -27.02 15.95 -12.54
CA VAL B 49 -25.75 16.32 -11.93
C VAL B 49 -24.95 15.11 -11.51
N ARG B 50 -23.70 15.08 -11.98
CA ARG B 50 -22.75 14.05 -11.57
C ARG B 50 -21.54 14.76 -10.98
N CYS B 51 -21.23 14.42 -9.73
CA CYS B 51 -20.05 14.96 -9.06
C CYS B 51 -18.86 14.06 -9.37
N VAL B 52 -17.81 14.64 -9.92
CA VAL B 52 -16.63 13.85 -10.22
C VAL B 52 -15.36 14.35 -9.51
N TYR B 53 -14.53 13.39 -9.15
CA TYR B 53 -13.14 13.67 -8.81
C TYR B 53 -12.28 12.89 -9.81
N ILE B 54 -11.27 13.55 -10.36
CA ILE B 54 -10.37 12.91 -11.30
C ILE B 54 -9.01 12.64 -10.66
N LEU B 55 -8.60 11.37 -10.62
CA LEU B 55 -7.35 10.98 -9.98
C LEU B 55 -6.55 10.02 -10.87
N ASP B 56 -5.28 10.33 -11.05
CA ASP B 56 -4.38 9.49 -11.83
C ASP B 56 -3.58 8.54 -10.93
N PRO B 57 -3.93 7.24 -10.97
CA PRO B 57 -3.40 6.22 -10.07
C PRO B 57 -1.92 5.98 -10.31
N TRP B 58 -1.48 6.05 -11.57
CA TRP B 58 -0.06 5.93 -11.88
C TRP B 58 0.74 7.14 -11.42
N PHE B 59 0.13 8.31 -11.49
CA PHE B 59 0.77 9.48 -10.89
C PHE B 59 0.89 9.30 -9.37
N ALA B 60 -0.17 8.84 -8.73
CA ALA B 60 -0.14 8.60 -7.29
C ALA B 60 0.91 7.55 -6.93
N ALA B 61 1.03 6.52 -7.76
CA ALA B 61 2.01 5.45 -7.54
C ALA B 61 3.46 5.93 -7.46
N SER B 62 3.81 6.88 -8.31
CA SER B 62 5.18 7.38 -8.35
C SER B 62 5.41 8.61 -7.46
N SER B 63 4.34 9.14 -6.87
CA SER B 63 4.41 10.38 -6.11
C SER B 63 5.34 10.36 -4.90
N SER B 64 6.11 11.44 -4.72
CA SER B 64 6.94 11.63 -3.52
C SER B 64 6.15 11.90 -2.26
N VAL B 65 4.89 12.29 -2.41
CA VAL B 65 4.11 12.69 -1.24
C VAL B 65 3.75 11.42 -0.43
N GLY B 66 3.79 11.49 0.90
CA GLY B 66 3.59 10.30 1.71
C GLY B 66 2.14 9.87 1.92
N ILE B 67 1.92 8.72 2.55
CA ILE B 67 0.56 8.19 2.74
C ILE B 67 -0.39 9.12 3.49
N ASN B 68 0.10 9.91 4.45
CA ASN B 68 -0.80 10.62 5.36
C ASN B 68 -1.72 11.55 4.61
N ARG B 69 -1.15 12.35 3.71
CA ARG B 69 -1.93 13.24 2.86
C ARG B 69 -2.75 12.48 1.81
N TRP B 70 -2.16 11.48 1.16
CA TRP B 70 -2.96 10.69 0.23
C TRP B 70 -4.17 10.08 0.96
N ARG B 71 -3.97 9.60 2.19
CA ARG B 71 -5.06 8.98 2.98
C ARG B 71 -6.14 9.98 3.33
N PHE B 72 -5.72 11.17 3.75
CA PHE B 72 -6.64 12.25 4.09
C PHE B 72 -7.55 12.62 2.91
N LEU B 73 -6.97 12.72 1.72
CA LEU B 73 -7.76 12.97 0.52
C LEU B 73 -8.76 11.83 0.25
N LEU B 74 -8.30 10.58 0.26
CA LEU B 74 -9.21 9.44 0.04
C LEU B 74 -10.32 9.42 1.11
N GLN B 75 -9.99 9.76 2.34
CA GLN B 75 -11.02 9.81 3.38
C GLN B 75 -11.99 10.96 3.13
N SER B 76 -11.50 12.02 2.47
CA SER B 76 -12.34 13.17 2.14
C SER B 76 -13.28 12.81 1.01
N LEU B 77 -12.77 12.07 0.03
CA LEU B 77 -13.60 11.60 -1.09
C LEU B 77 -14.67 10.61 -0.64
N GLU B 78 -14.35 9.76 0.33
CA GLU B 78 -15.34 8.83 0.87
C GLU B 78 -16.41 9.57 1.68
N ASP B 79 -16.03 10.64 2.37
CA ASP B 79 -17.03 11.44 3.07
C ASP B 79 -18.00 12.08 2.09
N LEU B 80 -17.48 12.58 0.97
CA LEU B 80 -18.31 13.13 -0.11
C LEU B 80 -19.26 12.09 -0.71
N ASP B 81 -18.79 10.86 -0.83
CA ASP B 81 -19.61 9.81 -1.41
C ASP B 81 -20.77 9.50 -0.48
N THR B 82 -20.48 9.42 0.82
CA THR B 82 -21.47 9.13 1.84
C THR B 82 -22.53 10.23 1.91
N SER B 83 -22.09 11.49 1.91
CA SER B 83 -22.99 12.64 1.90
C SER B 83 -23.89 12.64 0.66
N LEU B 84 -23.29 12.28 -0.48
CA LEU B 84 -24.04 12.15 -1.73
C LEU B 84 -25.00 10.96 -1.71
N ARG B 85 -24.67 9.92 -0.95
CA ARG B 85 -25.55 8.75 -0.77
C ARG B 85 -26.84 9.12 -0.03
N LYS B 86 -26.75 10.06 0.92
CA LYS B 86 -27.94 10.57 1.58
C LYS B 86 -28.82 11.32 0.57
N LEU B 87 -28.19 11.97 -0.40
CA LEU B 87 -28.91 12.68 -1.46
C LEU B 87 -29.19 11.74 -2.63
N ASN B 88 -29.27 10.45 -2.34
CA ASN B 88 -29.55 9.41 -3.34
C ASN B 88 -28.69 9.55 -4.60
N SER B 89 -27.41 9.85 -4.38
CA SER B 89 -26.47 10.03 -5.47
C SER B 89 -25.13 9.42 -5.05
N ARG B 90 -24.12 9.54 -5.90
CA ARG B 90 -22.81 8.96 -5.63
C ARG B 90 -21.74 9.88 -6.20
N LEU B 91 -20.57 9.86 -5.58
CA LEU B 91 -19.41 10.55 -6.14
C LEU B 91 -18.88 9.70 -7.29
N PHE B 92 -18.45 10.35 -8.37
CA PHE B 92 -17.85 9.64 -9.49
C PHE B 92 -16.35 9.86 -9.55
N VAL B 93 -15.58 8.97 -8.94
CA VAL B 93 -14.13 9.05 -9.06
C VAL B 93 -13.67 8.47 -10.42
N VAL B 94 -13.12 9.33 -11.28
CA VAL B 94 -12.69 8.92 -12.61
C VAL B 94 -11.16 8.80 -12.70
N ARG B 95 -10.66 7.63 -13.12
CA ARG B 95 -9.20 7.41 -13.21
C ARG B 95 -8.58 8.03 -14.44
N GLY B 96 -7.40 8.61 -14.27
CA GLY B 96 -6.67 9.17 -15.41
C GLY B 96 -6.30 10.63 -15.21
N GLN B 97 -5.90 11.27 -16.31
CA GLN B 97 -5.60 12.69 -16.31
C GLN B 97 -6.77 13.48 -16.88
N PRO B 98 -7.18 14.57 -16.20
CA PRO B 98 -8.33 15.40 -16.57
C PRO B 98 -8.35 15.89 -18.03
N ALA B 99 -7.20 16.24 -18.61
CA ALA B 99 -7.17 16.74 -19.99
C ALA B 99 -7.69 15.70 -21.00
N ASP B 100 -7.28 14.45 -20.79
CA ASP B 100 -7.60 13.37 -21.72
C ASP B 100 -8.71 12.46 -21.20
N VAL B 101 -9.42 12.92 -20.16
CA VAL B 101 -10.59 12.22 -19.64
C VAL B 101 -11.85 12.99 -20.00
N PHE B 102 -11.78 14.32 -19.89
CA PHE B 102 -12.93 15.19 -20.10
C PHE B 102 -13.60 15.17 -21.48
N PRO B 103 -12.83 15.14 -22.58
CA PRO B 103 -13.52 15.11 -23.88
C PRO B 103 -14.39 13.86 -24.03
N ARG B 104 -13.84 12.68 -23.75
CA ARG B 104 -14.62 11.45 -23.83
C ARG B 104 -15.66 11.34 -22.70
N LEU B 105 -15.61 12.26 -21.74
CA LEU B 105 -16.65 12.36 -20.71
C LEU B 105 -17.79 13.26 -21.17
N PHE B 106 -17.44 14.23 -22.01
CA PHE B 106 -18.43 15.13 -22.61
C PHE B 106 -19.26 14.36 -23.62
N LYS B 107 -18.57 13.64 -24.51
CA LYS B 107 -19.23 12.88 -25.57
C LYS B 107 -20.15 11.80 -25.01
N GLU B 108 -19.72 11.16 -23.94
CA GLU B 108 -20.45 10.02 -23.40
C GLU B 108 -21.62 10.41 -22.49
N TRP B 109 -21.35 11.26 -21.50
CA TRP B 109 -22.41 11.72 -20.59
C TRP B 109 -23.32 12.75 -21.24
N GLY B 110 -22.91 13.30 -22.38
CA GLY B 110 -23.65 14.36 -23.02
C GLY B 110 -23.72 15.59 -22.14
N VAL B 111 -22.59 15.95 -21.54
CA VAL B 111 -22.53 17.08 -20.62
C VAL B 111 -22.70 18.41 -21.37
N THR B 112 -23.52 19.30 -20.80
CA THR B 112 -23.66 20.64 -21.36
C THR B 112 -23.10 21.70 -20.40
N ARG B 113 -22.99 21.38 -19.12
CA ARG B 113 -22.41 22.32 -18.16
C ARG B 113 -21.35 21.66 -17.27
N LEU B 114 -20.23 22.34 -17.11
CA LEU B 114 -19.18 21.92 -16.19
C LEU B 114 -18.91 23.05 -15.21
N THR B 115 -18.85 22.72 -13.92
CA THR B 115 -18.55 23.70 -12.88
C THR B 115 -17.49 23.18 -11.91
N PHE B 116 -16.73 24.09 -11.30
CA PHE B 116 -15.71 23.76 -10.28
C PHE B 116 -15.31 24.99 -9.47
N GLU B 117 -14.85 24.77 -8.23
CA GLU B 117 -14.31 25.87 -7.43
C GLU B 117 -13.01 26.37 -8.07
N TYR B 118 -12.89 27.69 -8.15
CA TYR B 118 -11.73 28.35 -8.77
C TYR B 118 -10.43 27.99 -8.03
N ASP B 119 -9.34 27.85 -8.79
CA ASP B 119 -8.01 27.55 -8.25
C ASP B 119 -7.03 28.69 -8.59
N SER B 120 -6.61 29.42 -7.56
CA SER B 120 -5.73 30.57 -7.76
C SER B 120 -4.28 30.22 -8.08
N GLU B 121 -3.85 29.00 -7.74
CA GLU B 121 -2.45 28.57 -7.97
C GLU B 121 -2.13 28.57 -9.47
N PRO B 122 -0.91 29.04 -9.85
CA PRO B 122 -0.50 29.24 -11.25
C PRO B 122 -0.63 27.98 -12.12
N PHE B 123 -0.07 26.87 -11.65
CA PHE B 123 -0.28 25.58 -12.30
C PHE B 123 -1.78 25.32 -12.46
N GLY B 124 -2.54 25.57 -11.39
CA GLY B 124 -3.98 25.42 -11.40
C GLY B 124 -4.66 26.29 -12.44
N LYS B 125 -4.32 27.58 -12.47
CA LYS B 125 -4.91 28.52 -13.44
C LYS B 125 -4.59 28.12 -14.90
N GLU B 126 -3.36 27.64 -15.11
CA GLU B 126 -2.94 27.21 -16.43
C GLU B 126 -3.68 25.95 -16.88
N ARG B 127 -3.83 25.00 -15.96
CA ARG B 127 -4.57 23.77 -16.22
C ARG B 127 -6.04 24.10 -16.44
N ASP B 128 -6.57 25.06 -15.68
CA ASP B 128 -7.97 25.43 -15.82
C ASP B 128 -8.20 26.30 -17.07
N ALA B 129 -7.12 26.75 -17.70
CA ALA B 129 -7.22 27.52 -18.95
C ALA B 129 -7.39 26.62 -20.17
N ALA B 130 -6.63 25.53 -20.20
CA ALA B 130 -6.73 24.56 -21.29
C ALA B 130 -8.09 23.87 -21.25
N ILE B 131 -8.52 23.51 -20.03
CA ILE B 131 -9.78 22.79 -19.85
C ILE B 131 -11.03 23.53 -20.33
N MET B 132 -11.16 24.82 -20.05
CA MET B 132 -12.33 25.56 -20.53
C MET B 132 -12.18 26.14 -21.94
N LYS B 133 -11.11 25.73 -22.64
CA LYS B 133 -10.95 26.00 -24.07
C LYS B 133 -11.35 24.74 -24.82
N MET B 134 -10.94 23.60 -24.28
CA MET B 134 -11.35 22.31 -24.80
C MET B 134 -12.82 22.04 -24.42
N ALA B 135 -13.37 22.90 -23.58
CA ALA B 135 -14.79 22.82 -23.21
C ALA B 135 -15.63 23.75 -24.09
N LYS B 136 -15.01 24.85 -24.54
CA LYS B 136 -15.70 25.81 -25.39
C LYS B 136 -15.96 25.22 -26.79
N GLU B 137 -15.10 24.31 -27.22
CA GLU B 137 -15.22 23.69 -28.53
C GLU B 137 -15.98 22.38 -28.41
N ALA B 138 -16.56 22.15 -27.24
CA ALA B 138 -17.36 20.95 -26.96
C ALA B 138 -18.82 21.29 -26.68
N GLY B 139 -19.12 22.58 -26.57
CA GLY B 139 -20.48 23.04 -26.34
C GLY B 139 -20.83 23.24 -24.88
N VAL B 140 -19.86 23.01 -24.00
CA VAL B 140 -20.07 23.11 -22.57
C VAL B 140 -19.77 24.51 -22.04
N GLU B 141 -20.71 25.09 -21.30
CA GLU B 141 -20.46 26.32 -20.56
C GLU B 141 -19.79 25.98 -19.23
N VAL B 142 -18.86 26.84 -18.81
CA VAL B 142 -18.11 26.62 -17.57
C VAL B 142 -18.42 27.70 -16.54
N VAL B 143 -18.87 27.28 -15.36
CA VAL B 143 -19.15 28.19 -14.25
C VAL B 143 -18.21 27.92 -13.07
N THR B 144 -17.47 28.95 -12.65
CA THR B 144 -16.51 28.84 -11.55
C THR B 144 -16.76 29.87 -10.43
N GLU B 145 -16.48 29.48 -9.19
CA GLU B 145 -16.56 30.40 -8.03
C GLU B 145 -15.30 30.31 -7.16
N ASN B 146 -14.85 31.46 -6.65
CA ASN B 146 -13.59 31.52 -5.93
C ASN B 146 -13.66 31.14 -4.44
N SER B 147 -14.64 30.31 -4.08
CA SER B 147 -14.93 30.06 -2.66
C SER B 147 -13.87 29.30 -1.85
N HIS B 148 -12.64 29.20 -2.37
CA HIS B 148 -11.53 28.61 -1.62
C HIS B 148 -10.85 29.67 -0.74
N THR B 149 -11.09 30.93 -1.05
CA THR B 149 -10.49 32.04 -0.30
C THR B 149 -11.57 32.99 0.23
N LEU B 150 -11.21 33.79 1.21
CA LEU B 150 -12.10 34.79 1.76
C LEU B 150 -12.42 35.86 0.71
N TYR B 151 -11.41 36.26 -0.06
CA TYR B 151 -11.57 37.34 -1.03
C TYR B 151 -11.24 36.94 -2.45
N ASP B 152 -11.64 37.80 -3.37
CA ASP B 152 -11.19 37.80 -4.77
C ASP B 152 -9.75 38.29 -4.81
N LEU B 153 -8.80 37.35 -4.85
CA LEU B 153 -7.38 37.63 -4.93
C LEU B 153 -7.02 38.64 -6.04
N ASP B 154 -7.58 38.45 -7.23
CA ASP B 154 -7.29 39.34 -8.36
C ASP B 154 -7.74 40.76 -8.09
N ARG B 155 -8.80 40.90 -7.29
CA ARG B 155 -9.32 42.21 -6.89
C ARG B 155 -8.38 42.94 -5.92
N ILE B 156 -7.86 42.22 -4.94
CA ILE B 156 -6.87 42.80 -4.03
C ILE B 156 -5.68 43.33 -4.82
N ILE B 157 -5.25 42.55 -5.82
CA ILE B 157 -4.12 42.93 -6.65
C ILE B 157 -4.40 44.20 -7.50
N GLU B 158 -5.62 44.33 -8.02
CA GLU B 158 -6.04 45.55 -8.72
C GLU B 158 -5.93 46.80 -7.83
N LEU B 159 -6.55 46.76 -6.66
CA LEU B 159 -6.58 47.92 -5.76
C LEU B 159 -5.21 48.33 -5.25
N ASN B 160 -4.22 47.48 -5.54
CA ASN B 160 -2.83 47.74 -5.19
C ASN B 160 -1.97 47.95 -6.45
N GLY B 161 -2.57 48.57 -7.48
CA GLY B 161 -1.88 48.85 -8.72
C GLY B 161 -1.30 47.64 -9.43
N GLN B 162 -2.13 46.60 -9.57
CA GLN B 162 -1.78 45.36 -10.28
C GLN B 162 -0.51 44.64 -9.82
N LYS B 163 -0.18 44.77 -8.54
CA LYS B 163 0.90 44.01 -7.93
C LYS B 163 0.44 43.47 -6.58
N PRO B 164 0.88 42.27 -6.20
CA PRO B 164 0.49 41.81 -4.85
C PRO B 164 1.24 42.56 -3.75
N PRO B 165 0.54 42.88 -2.65
CA PRO B 165 1.18 43.48 -1.48
C PRO B 165 2.21 42.52 -0.90
N LEU B 166 3.34 43.04 -0.41
CA LEU B 166 4.45 42.21 0.05
C LEU B 166 4.80 42.37 1.53
N THR B 167 4.02 43.16 2.26
CA THR B 167 4.05 43.11 3.72
C THR B 167 2.64 42.89 4.19
N TYR B 168 2.51 42.27 5.35
CA TYR B 168 1.19 41.98 5.87
C TYR B 168 0.46 43.23 6.35
N LYS B 169 1.20 44.24 6.81
CA LYS B 169 0.54 45.49 7.18
C LYS B 169 -0.07 46.16 5.93
N ARG B 170 0.68 46.19 4.85
CA ARG B 170 0.20 46.68 3.55
C ARG B 170 -1.00 45.85 3.07
N PHE B 171 -0.93 44.54 3.26
CA PHE B 171 -2.04 43.67 2.90
C PHE B 171 -3.28 43.97 3.75
N GLN B 172 -3.08 44.07 5.06
CA GLN B 172 -4.18 44.27 6.02
C GLN B 172 -4.88 45.61 5.85
N ALA B 173 -4.15 46.59 5.29
CA ALA B 173 -4.70 47.91 5.03
C ALA B 173 -5.52 47.92 3.74
N LEU B 174 -5.09 47.13 2.76
CA LEU B 174 -5.84 46.98 1.52
C LEU B 174 -7.19 46.36 1.86
N ILE B 175 -7.14 45.33 2.70
CA ILE B 175 -8.29 44.51 3.04
C ILE B 175 -9.32 45.22 3.93
N SER B 176 -8.85 46.18 4.73
CA SER B 176 -9.72 46.94 5.64
C SER B 176 -10.61 47.95 4.92
N ARG B 177 -10.26 48.26 3.68
CA ARG B 177 -11.02 49.21 2.88
C ARG B 177 -12.02 48.51 1.95
N MET B 178 -11.87 47.20 1.80
CA MET B 178 -12.68 46.43 0.86
C MET B 178 -13.98 45.89 1.45
N GLU B 179 -14.86 45.44 0.57
CA GLU B 179 -16.08 44.75 0.96
C GLU B 179 -15.73 43.48 1.79
N LEU B 180 -16.62 43.12 2.70
CA LEU B 180 -16.47 41.94 3.54
C LEU B 180 -16.46 40.66 2.70
N PRO B 181 -15.87 39.58 3.24
CA PRO B 181 -15.92 38.31 2.54
C PRO B 181 -17.37 37.93 2.31
N LYS B 182 -17.66 37.29 1.17
CA LYS B 182 -19.04 36.86 0.92
C LYS B 182 -19.41 35.81 1.94
N LYS B 183 -20.67 35.84 2.38
CA LYS B 183 -21.18 34.87 3.35
C LYS B 183 -21.24 33.46 2.74
N PRO B 184 -21.21 32.41 3.58
CA PRO B 184 -21.32 31.06 3.06
C PRO B 184 -22.67 30.78 2.39
N ALA B 185 -22.63 30.35 1.13
CA ALA B 185 -23.84 29.95 0.41
C ALA B 185 -24.40 28.68 1.05
N VAL B 186 -25.72 28.65 1.25
CA VAL B 186 -26.35 27.46 1.82
C VAL B 186 -26.28 26.28 0.87
N ALA B 187 -25.91 25.12 1.42
CA ALA B 187 -25.69 23.91 0.62
C ALA B 187 -26.94 23.48 -0.16
N VAL B 188 -26.73 22.59 -1.12
CA VAL B 188 -27.79 22.05 -1.95
C VAL B 188 -28.78 21.20 -1.14
N SER B 189 -30.05 21.56 -1.22
CA SER B 189 -31.09 20.81 -0.51
C SER B 189 -31.35 19.47 -1.21
N SER B 190 -31.79 18.47 -0.45
CA SER B 190 -32.22 17.21 -1.04
C SER B 190 -33.40 17.47 -1.98
N GLN B 191 -34.19 18.50 -1.66
CA GLN B 191 -35.29 18.94 -2.51
C GLN B 191 -34.79 19.84 -3.64
N GLN B 192 -33.61 19.51 -4.17
CA GLN B 192 -33.03 20.22 -5.29
C GLN B 192 -32.14 19.23 -6.04
N MET B 193 -31.96 18.07 -5.42
CA MET B 193 -31.16 16.98 -5.99
C MET B 193 -32.01 15.99 -6.76
N GLU B 194 -33.21 15.71 -6.25
CA GLU B 194 -34.09 14.71 -6.86
C GLU B 194 -34.42 15.04 -8.31
N SER B 195 -34.43 16.33 -8.61
CA SER B 195 -34.70 16.81 -9.95
C SER B 195 -33.59 16.38 -10.89
N CYS B 196 -32.35 16.42 -10.40
CA CYS B 196 -31.19 16.13 -11.23
C CYS B 196 -30.43 14.87 -10.79
N ARG B 197 -31.11 13.97 -10.10
CA ARG B 197 -30.47 12.72 -9.64
C ARG B 197 -29.96 11.88 -10.80
N ALA B 198 -28.70 11.46 -10.69
CA ALA B 198 -28.01 10.79 -11.78
C ALA B 198 -28.36 9.31 -11.89
N GLU B 199 -28.06 8.73 -13.05
CA GLU B 199 -28.27 7.31 -13.30
C GLU B 199 -27.20 6.47 -12.61
N ILE B 200 -27.54 5.95 -11.43
CA ILE B 200 -26.63 5.12 -10.66
C ILE B 200 -26.51 3.72 -11.27
N GLN B 201 -25.41 3.49 -11.99
CA GLN B 201 -25.22 2.25 -12.76
C GLN B 201 -25.06 0.99 -11.91
N GLU B 202 -26.04 0.74 -11.04
CA GLU B 202 -26.12 -0.52 -10.27
C GLU B 202 -24.87 -0.80 -9.44
N ASN B 203 -24.19 -1.91 -9.73
CA ASN B 203 -22.93 -2.24 -9.06
C ASN B 203 -21.74 -1.63 -9.79
N HIS B 204 -21.94 -1.31 -11.07
CA HIS B 204 -20.89 -0.73 -11.89
C HIS B 204 -20.39 0.64 -11.41
N ASP B 205 -21.06 1.23 -10.42
CA ASP B 205 -20.59 2.52 -9.90
C ASP B 205 -19.24 2.33 -9.24
N ASP B 206 -18.95 1.12 -8.83
CA ASP B 206 -17.61 0.75 -8.42
C ASP B 206 -16.75 0.39 -9.67
N THR B 207 -16.83 1.29 -10.65
CA THR B 207 -15.78 1.54 -11.63
C THR B 207 -15.46 3.01 -11.42
N TYR B 208 -16.30 3.65 -10.60
CA TYR B 208 -16.14 5.05 -10.19
C TYR B 208 -15.99 5.17 -8.67
N GLY B 209 -15.71 4.07 -8.00
CA GLY B 209 -15.57 4.09 -6.56
C GLY B 209 -14.30 4.79 -6.10
N VAL B 210 -14.27 5.22 -4.84
CA VAL B 210 -13.07 5.81 -4.26
C VAL B 210 -11.89 4.83 -4.28
N PRO B 211 -10.77 5.22 -4.89
CA PRO B 211 -9.58 4.36 -4.85
C PRO B 211 -9.16 4.07 -3.40
N SER B 212 -8.58 2.90 -3.20
CA SER B 212 -8.00 2.57 -1.91
C SER B 212 -6.55 3.01 -1.93
N LEU B 213 -5.91 3.05 -0.77
CA LEU B 213 -4.49 3.37 -0.69
C LEU B 213 -3.65 2.32 -1.43
N GLU B 214 -4.10 1.07 -1.37
CA GLU B 214 -3.42 -0.04 -2.05
C GLU B 214 -3.42 0.14 -3.57
N GLU B 215 -4.47 0.74 -4.10
CA GLU B 215 -4.54 0.99 -5.54
C GLU B 215 -3.51 2.05 -5.94
N LEU B 216 -3.22 2.94 -5.00
CA LEU B 216 -2.35 4.07 -5.26
C LEU B 216 -0.90 3.71 -5.02
N GLY B 217 -0.65 2.44 -4.72
CA GLY B 217 0.70 1.95 -4.56
C GLY B 217 1.27 2.19 -3.17
N PHE B 218 0.41 2.26 -2.17
CA PHE B 218 0.85 2.35 -0.79
C PHE B 218 0.76 1.03 -0.05
N PRO B 219 1.79 0.70 0.71
CA PRO B 219 1.66 -0.44 1.63
C PRO B 219 0.77 -0.02 2.79
N THR B 220 0.06 -0.99 3.34
CA THR B 220 -0.93 -0.81 4.39
C THR B 220 -0.82 -2.06 5.26
N GLU B 221 -0.19 -1.94 6.43
CA GLU B 221 0.09 -3.14 7.22
C GLU B 221 -0.44 -2.97 8.63
N GLY B 222 0.29 -2.22 9.44
CA GLY B 222 -0.21 -1.77 10.71
C GLY B 222 -0.48 -0.30 10.55
N LEU B 223 -1.54 0.05 9.83
CA LEU B 223 -1.81 1.46 9.55
C LEU B 223 -2.41 2.16 10.75
N GLY B 224 -3.48 1.57 11.29
CA GLY B 224 -4.17 2.19 12.41
C GLY B 224 -4.97 3.39 11.95
N PRO B 225 -5.90 3.86 12.79
CA PRO B 225 -6.82 4.94 12.41
C PRO B 225 -6.07 6.24 12.19
N ALA B 226 -6.51 7.03 11.22
CA ALA B 226 -5.88 8.32 10.97
C ALA B 226 -5.99 9.18 12.22
N VAL B 227 -4.90 9.82 12.61
CA VAL B 227 -4.95 10.79 13.68
C VAL B 227 -5.86 11.96 13.26
N TRP B 228 -5.75 12.36 12.00
CA TRP B 228 -6.59 13.40 11.42
C TRP B 228 -7.51 12.77 10.38
N GLN B 229 -8.73 12.45 10.77
CA GLN B 229 -9.71 11.87 9.85
C GLN B 229 -10.09 12.90 8.78
N GLY B 230 -10.08 12.50 7.51
CA GLY B 230 -10.41 13.42 6.44
C GLY B 230 -11.90 13.63 6.28
N GLY B 231 -12.26 14.69 5.57
CA GLY B 231 -13.64 14.88 5.18
C GLY B 231 -14.38 16.03 5.84
N GLU B 232 -15.44 16.45 5.16
CA GLU B 232 -16.29 17.56 5.60
C GLU B 232 -17.04 17.30 6.92
N THR B 233 -17.59 16.10 7.06
CA THR B 233 -18.23 15.67 8.31
C THR B 233 -17.29 15.86 9.51
N GLU B 234 -16.03 15.45 9.36
CA GLU B 234 -15.05 15.66 10.43
C GLU B 234 -14.76 17.14 10.62
N ALA B 235 -14.58 17.86 9.51
CA ALA B 235 -14.34 19.31 9.54
C ALA B 235 -15.42 20.10 10.30
N LEU B 236 -16.68 19.86 9.96
CA LEU B 236 -17.77 20.59 10.58
C LEU B 236 -17.84 20.26 12.07
N ALA B 237 -17.54 19.02 12.42
CA ALA B 237 -17.54 18.59 13.83
C ALA B 237 -16.46 19.32 14.62
N ARG B 238 -15.25 19.36 14.06
CA ARG B 238 -14.14 20.09 14.63
C ARG B 238 -14.45 21.60 14.75
N LEU B 239 -15.07 22.16 13.72
CA LEU B 239 -15.45 23.58 13.73
C LEU B 239 -16.28 23.91 14.99
N ASP B 240 -17.25 23.06 15.30
CA ASP B 240 -18.05 23.21 16.51
C ASP B 240 -17.20 23.09 17.77
N LYS B 241 -16.46 21.99 17.91
CA LYS B 241 -15.51 21.80 19.00
C LYS B 241 -14.53 22.99 19.14
N HIS B 242 -14.19 23.60 18.01
CA HIS B 242 -13.27 24.74 17.99
C HIS B 242 -13.85 25.97 18.68
N LEU B 243 -15.03 26.40 18.22
CA LEU B 243 -15.65 27.62 18.73
C LEU B 243 -16.22 27.43 20.13
N GLU B 244 -15.35 27.18 21.10
CA GLU B 244 -15.75 27.04 22.50
C GLU B 244 -14.78 27.81 23.40
N ASN B 260 1.34 21.11 25.70
CA ASN B 260 0.26 20.19 25.37
C ASN B 260 -0.44 20.61 24.07
N SER B 261 -0.26 21.87 23.70
CA SER B 261 -0.79 22.37 22.43
C SER B 261 0.03 21.81 21.27
N LEU B 262 1.18 21.22 21.57
CA LEU B 262 2.00 20.59 20.55
C LEU B 262 1.36 19.33 19.98
N LEU B 263 0.44 18.74 20.75
CA LEU B 263 -0.27 17.53 20.33
C LEU B 263 -1.42 17.86 19.36
N ALA B 264 -1.64 16.96 18.41
CA ALA B 264 -2.75 17.07 17.46
C ALA B 264 -4.06 17.38 18.17
N SER B 265 -4.70 18.46 17.75
CA SER B 265 -5.92 18.93 18.40
C SER B 265 -7.19 18.48 17.67
N PRO B 266 -8.21 18.01 18.42
CA PRO B 266 -9.52 17.70 17.83
C PRO B 266 -10.25 18.97 17.37
N THR B 267 -9.67 20.13 17.64
CA THR B 267 -10.20 21.40 17.19
C THR B 267 -9.38 21.97 16.03
N GLY B 268 -8.23 21.34 15.74
CA GLY B 268 -7.37 21.77 14.64
C GLY B 268 -8.08 21.71 13.30
N LEU B 269 -7.85 22.72 12.46
CA LEU B 269 -8.63 22.89 11.23
C LEU B 269 -7.86 23.03 9.94
N SER B 270 -6.54 23.23 9.99
CA SER B 270 -5.77 23.50 8.77
C SER B 270 -5.82 22.46 7.61
N PRO B 271 -5.80 21.16 7.92
CA PRO B 271 -5.88 20.23 6.78
C PRO B 271 -7.23 20.32 6.05
N TYR B 272 -8.29 20.56 6.83
CA TYR B 272 -9.65 20.70 6.32
C TYR B 272 -9.83 21.97 5.51
N LEU B 273 -9.23 23.06 5.97
CA LEU B 273 -9.17 24.28 5.17
C LEU B 273 -8.38 24.07 3.86
N ARG B 274 -7.27 23.33 3.93
CA ARG B 274 -6.47 23.05 2.75
C ARG B 274 -7.22 22.28 1.64
N PHE B 275 -7.99 21.27 2.03
CA PHE B 275 -8.77 20.49 1.04
C PHE B 275 -10.18 21.04 0.83
N GLY B 276 -10.54 22.10 1.53
CA GLY B 276 -11.87 22.65 1.38
C GLY B 276 -12.97 21.80 1.98
N CYS B 277 -12.61 20.84 2.84
CA CYS B 277 -13.59 20.09 3.64
C CYS B 277 -14.29 21.09 4.58
N LEU B 278 -13.56 22.11 4.97
CA LEU B 278 -14.12 23.25 5.66
C LEU B 278 -14.01 24.51 4.79
N SER B 279 -15.14 25.20 4.64
CA SER B 279 -15.19 26.51 3.99
C SER B 279 -14.57 27.59 4.89
N CYS B 280 -13.68 28.40 4.33
CA CYS B 280 -13.01 29.44 5.10
C CYS B 280 -13.96 30.59 5.46
N ARG B 281 -14.99 30.79 4.64
CA ARG B 281 -15.97 31.83 4.91
C ARG B 281 -16.93 31.41 6.00
N LEU B 282 -17.28 30.12 6.03
CA LEU B 282 -18.09 29.60 7.13
C LEU B 282 -17.34 29.77 8.45
N PHE B 283 -16.07 29.34 8.46
CA PHE B 283 -15.20 29.57 9.60
C PHE B 283 -15.13 31.08 9.93
N TYR B 284 -14.91 31.90 8.90
CA TYR B 284 -14.76 33.35 9.07
C TYR B 284 -15.97 33.97 9.78
N TYR B 285 -17.17 33.73 9.25
CA TYR B 285 -18.37 34.32 9.82
C TYR B 285 -18.87 33.65 11.09
N ARG B 286 -18.46 32.42 11.35
CA ARG B 286 -18.82 31.80 12.62
C ARG B 286 -17.95 32.35 13.76
N LEU B 287 -16.72 32.74 13.42
CA LEU B 287 -15.85 33.49 14.32
C LEU B 287 -16.36 34.93 14.50
N TRP B 288 -16.70 35.55 13.37
CA TRP B 288 -17.27 36.90 13.33
C TRP B 288 -18.48 36.95 14.24
N ASP B 289 -19.46 36.10 13.90
CA ASP B 289 -20.71 36.00 14.65
C ASP B 289 -20.54 35.15 15.91
N LEU B 290 -19.38 35.29 16.55
CA LEU B 290 -19.13 34.70 17.86
C LEU B 290 -18.66 35.81 18.77
N TYR B 291 -17.84 36.70 18.22
CA TYR B 291 -17.38 37.90 18.92
C TYR B 291 -18.60 38.76 19.26
N LYS B 292 -19.53 38.87 18.31
CA LYS B 292 -20.71 39.70 18.49
C LYS B 292 -21.75 39.06 19.41
N LYS B 293 -21.34 38.01 20.11
CA LYS B 293 -22.22 37.36 21.08
C LYS B 293 -21.60 37.43 22.48
N VAL B 294 -20.27 37.42 22.55
CA VAL B 294 -19.55 37.62 23.81
C VAL B 294 -19.32 39.11 24.03
N LYS B 295 -19.42 39.89 22.95
CA LYS B 295 -19.34 41.35 23.04
C LYS B 295 -20.68 42.00 22.72
N ARG B 296 -21.16 42.82 23.65
CA ARG B 296 -22.45 43.52 23.56
C ARG B 296 -22.73 44.07 22.17
N ASN B 297 -22.27 45.28 21.91
CA ASN B 297 -22.50 45.95 20.65
C ASN B 297 -21.18 46.38 20.04
N SER B 298 -20.36 45.41 19.64
CA SER B 298 -19.01 45.70 19.17
C SER B 298 -18.60 44.90 17.94
N THR B 299 -17.76 45.52 17.11
CA THR B 299 -17.15 44.82 15.98
C THR B 299 -15.75 44.32 16.35
N PRO B 300 -15.41 43.10 15.92
CA PRO B 300 -14.11 42.52 16.26
C PRO B 300 -12.99 43.15 15.45
N PRO B 301 -11.77 43.16 16.00
CA PRO B 301 -10.60 43.67 15.29
C PRO B 301 -10.14 42.70 14.22
N LEU B 302 -9.22 43.11 13.37
CA LEU B 302 -8.75 42.25 12.28
C LEU B 302 -7.96 41.05 12.79
N SER B 303 -7.40 41.16 13.98
CA SER B 303 -6.56 40.11 14.56
C SER B 303 -7.36 38.84 14.80
N LEU B 304 -8.67 38.99 14.98
CA LEU B 304 -9.56 37.85 15.22
C LEU B 304 -9.48 36.88 14.04
N PHE B 305 -9.15 37.41 12.87
CA PHE B 305 -9.16 36.65 11.63
C PHE B 305 -7.77 36.54 11.02
N GLY B 306 -6.75 37.07 11.72
CA GLY B 306 -5.37 37.04 11.25
C GLY B 306 -4.87 35.71 10.72
N GLN B 307 -5.32 34.63 11.34
CA GLN B 307 -4.96 33.30 10.87
C GLN B 307 -5.42 33.07 9.41
N LEU B 308 -6.68 33.40 9.12
CA LEU B 308 -7.22 33.28 7.76
C LEU B 308 -6.67 34.37 6.86
N LEU B 309 -6.28 35.49 7.48
CA LEU B 309 -5.80 36.63 6.71
C LEU B 309 -4.35 36.40 6.26
N TRP B 310 -3.57 35.70 7.09
CA TRP B 310 -2.21 35.31 6.73
C TRP B 310 -2.25 34.34 5.56
N ARG B 311 -3.13 33.35 5.65
CA ARG B 311 -3.39 32.42 4.56
C ARG B 311 -3.74 33.21 3.29
N GLU B 312 -4.58 34.23 3.45
CA GLU B 312 -5.00 35.06 2.33
C GLU B 312 -3.85 35.87 1.75
N PHE B 313 -3.07 36.51 2.61
CA PHE B 313 -1.86 37.23 2.19
C PHE B 313 -1.02 36.35 1.25
N PHE B 314 -0.68 35.15 1.70
CA PHE B 314 0.20 34.27 0.92
C PHE B 314 -0.45 33.83 -0.38
N TYR B 315 -1.73 33.52 -0.34
CA TYR B 315 -2.47 33.19 -1.55
C TYR B 315 -2.41 34.31 -2.60
N THR B 316 -2.56 35.55 -2.14
CA THR B 316 -2.53 36.73 -3.00
C THR B 316 -1.17 36.94 -3.64
N ALA B 317 -0.12 36.84 -2.83
CA ALA B 317 1.25 37.01 -3.31
C ALA B 317 1.61 35.90 -4.30
N ALA B 318 0.97 34.75 -4.14
CA ALA B 318 1.27 33.58 -4.96
C ALA B 318 0.56 33.45 -6.32
N THR B 319 -0.61 34.06 -6.53
CA THR B 319 -1.41 33.81 -7.75
C THR B 319 -0.65 33.97 -9.05
N ASN B 320 0.05 35.10 -9.18
CA ASN B 320 0.70 35.46 -10.43
C ASN B 320 2.19 35.16 -10.42
N ASN B 321 2.59 34.31 -9.50
CA ASN B 321 3.98 33.95 -9.38
C ASN B 321 4.16 32.45 -9.63
N PRO B 322 4.40 32.08 -10.89
CA PRO B 322 4.62 30.64 -11.16
C PRO B 322 5.95 30.10 -10.60
N ARG B 323 6.84 30.97 -10.14
CA ARG B 323 8.11 30.52 -9.55
C ARG B 323 8.12 30.72 -8.03
N PHE B 324 6.92 30.84 -7.45
CA PHE B 324 6.74 31.24 -6.06
C PHE B 324 7.42 30.29 -5.07
N ASP B 325 7.56 29.02 -5.45
CA ASP B 325 8.14 28.03 -4.56
C ASP B 325 9.61 27.79 -4.91
N ARG B 326 10.21 28.74 -5.60
CA ARG B 326 11.59 28.62 -6.05
C ARG B 326 12.35 29.88 -5.68
N MET B 327 13.67 29.78 -5.59
CA MET B 327 14.50 30.94 -5.35
C MET B 327 14.81 31.66 -6.67
N GLU B 328 15.53 30.96 -7.54
CA GLU B 328 15.96 31.50 -8.83
C GLU B 328 14.80 31.75 -9.78
N GLY B 329 14.66 33.00 -10.24
CA GLY B 329 13.62 33.35 -11.18
C GLY B 329 12.33 33.77 -10.49
N ASN B 330 12.44 34.02 -9.19
CA ASN B 330 11.31 34.45 -8.37
C ASN B 330 11.48 35.93 -8.05
N PRO B 331 10.68 36.79 -8.70
CA PRO B 331 10.84 38.24 -8.65
C PRO B 331 10.78 38.82 -7.23
N ILE B 332 10.22 38.09 -6.29
CA ILE B 332 10.12 38.61 -4.92
C ILE B 332 11.18 38.06 -3.98
N CYS B 333 11.96 37.08 -4.45
CA CYS B 333 12.89 36.35 -3.57
C CYS B 333 14.35 36.82 -3.63
N ILE B 334 14.89 37.20 -2.49
CA ILE B 334 16.30 37.54 -2.39
C ILE B 334 17.12 36.34 -2.82
N GLN B 335 18.07 36.55 -3.71
CA GLN B 335 19.00 35.49 -4.08
C GLN B 335 20.07 35.31 -2.99
N ILE B 336 20.07 34.12 -2.37
CA ILE B 336 21.01 33.79 -1.31
C ILE B 336 21.71 32.47 -1.66
N PRO B 337 23.05 32.44 -1.51
CA PRO B 337 23.83 31.22 -1.76
C PRO B 337 23.81 30.23 -0.59
N TRP B 338 22.85 29.29 -0.62
CA TRP B 338 22.75 28.29 0.45
C TRP B 338 23.69 27.12 0.19
N ASP B 339 24.07 26.41 1.26
CA ASP B 339 24.95 25.25 1.14
C ASP B 339 24.26 24.15 0.37
N ARG B 340 25.02 23.43 -0.45
CA ARG B 340 24.50 22.20 -0.98
C ARG B 340 24.99 21.07 -0.08
N ASN B 341 24.09 20.60 0.77
CA ASN B 341 24.45 19.65 1.80
C ASN B 341 23.35 18.59 1.89
N PRO B 342 23.33 17.69 0.90
CA PRO B 342 22.30 16.64 0.84
C PRO B 342 22.26 15.78 2.12
N GLU B 343 23.42 15.57 2.75
CA GLU B 343 23.51 14.74 3.95
C GLU B 343 22.84 15.39 5.17
N ALA B 344 23.09 16.67 5.37
CA ALA B 344 22.46 17.36 6.50
C ALA B 344 20.96 17.48 6.27
N LEU B 345 20.58 17.67 5.01
CA LEU B 345 19.17 17.78 4.66
C LEU B 345 18.43 16.49 4.97
N ALA B 346 19.01 15.37 4.57
CA ALA B 346 18.42 14.06 4.85
C ALA B 346 18.28 13.85 6.36
N LYS B 347 19.32 14.19 7.12
CA LYS B 347 19.29 14.05 8.57
C LYS B 347 18.19 14.89 9.18
N TRP B 348 18.05 16.13 8.69
CA TRP B 348 16.97 17.00 9.15
C TRP B 348 15.61 16.39 8.79
N ALA B 349 15.47 15.94 7.55
CA ALA B 349 14.20 15.41 7.09
C ALA B 349 13.80 14.16 7.90
N GLU B 350 14.78 13.36 8.30
CA GLU B 350 14.54 12.10 8.98
C GLU B 350 14.51 12.21 10.49
N GLY B 351 14.69 13.43 11.00
CA GLY B 351 14.73 13.65 12.43
C GLY B 351 15.91 12.96 13.06
N LYS B 352 17.09 13.12 12.45
CA LYS B 352 18.32 12.57 12.99
C LYS B 352 19.40 13.65 13.08
N THR B 353 18.97 14.87 13.38
CA THR B 353 19.89 15.93 13.77
C THR B 353 20.22 15.54 15.20
N GLY B 354 21.22 16.11 15.83
CA GLY B 354 21.41 15.62 17.19
C GLY B 354 20.53 16.27 18.23
N PHE B 355 19.52 17.01 17.77
CA PHE B 355 18.73 17.92 18.62
C PHE B 355 17.33 17.36 18.85
N PRO B 356 17.05 16.88 20.07
CA PRO B 356 15.79 16.22 20.41
C PRO B 356 14.55 17.05 20.07
N TRP B 357 14.56 18.34 20.37
CA TRP B 357 13.46 19.24 20.03
C TRP B 357 13.18 19.20 18.52
N ILE B 358 14.24 19.37 17.74
CA ILE B 358 14.12 19.33 16.30
C ILE B 358 13.65 17.93 15.88
N ASP B 359 14.33 16.91 16.37
CA ASP B 359 14.03 15.53 15.96
C ASP B 359 12.61 15.07 16.33
N ALA B 360 12.15 15.45 17.51
CA ALA B 360 10.80 15.11 17.93
C ALA B 360 9.75 15.72 16.98
N ILE B 361 9.93 17.00 16.64
CA ILE B 361 9.06 17.69 15.68
C ILE B 361 9.01 16.99 14.31
N MET B 362 10.17 16.71 13.73
CA MET B 362 10.20 16.08 12.42
C MET B 362 9.61 14.67 12.48
N THR B 363 9.72 14.03 13.65
CA THR B 363 9.13 12.69 13.87
C THR B 363 7.60 12.75 13.89
N GLN B 364 7.06 13.71 14.63
CA GLN B 364 5.63 13.97 14.64
C GLN B 364 5.10 14.33 13.27
N LEU B 365 5.84 15.17 12.56
CA LEU B 365 5.48 15.54 11.20
C LEU B 365 5.40 14.34 10.28
N ARG B 366 6.42 13.50 10.32
CA ARG B 366 6.43 12.35 9.44
C ARG B 366 5.32 11.36 9.84
N GLN B 367 5.15 11.13 11.14
CA GLN B 367 4.20 10.12 11.62
C GLN B 367 2.76 10.59 11.45
N GLU B 368 2.51 11.85 11.78
CA GLU B 368 1.14 12.32 11.88
C GLU B 368 0.73 13.32 10.78
N GLY B 369 1.68 14.08 10.26
CA GLY B 369 1.39 15.00 9.16
C GLY B 369 0.91 16.38 9.58
N TRP B 370 0.88 16.67 10.89
CA TRP B 370 0.62 18.03 11.37
C TRP B 370 1.58 18.34 12.51
N ILE B 371 2.09 19.57 12.52
CA ILE B 371 2.86 20.07 13.65
C ILE B 371 2.45 21.50 13.91
N HIS B 372 2.62 21.94 15.16
CA HIS B 372 2.26 23.28 15.57
C HIS B 372 3.07 24.32 14.77
N HIS B 373 2.45 25.47 14.52
CA HIS B 373 3.06 26.63 13.86
C HIS B 373 4.45 26.99 14.41
N LEU B 374 4.58 27.01 15.73
CA LEU B 374 5.85 27.40 16.37
C LEU B 374 6.92 26.33 16.18
N ALA B 375 6.48 25.07 16.16
CA ALA B 375 7.31 23.93 15.76
C ALA B 375 7.82 24.03 14.31
N ARG B 376 6.96 24.46 13.39
CA ARG B 376 7.35 24.71 12.00
C ARG B 376 8.44 25.77 11.96
N HIS B 377 8.23 26.84 12.73
CA HIS B 377 9.24 27.89 12.81
C HIS B 377 10.55 27.34 13.34
N ALA B 378 10.48 26.51 14.39
CA ALA B 378 11.67 26.01 15.07
C ALA B 378 12.49 25.24 14.07
N VAL B 379 11.80 24.37 13.36
CA VAL B 379 12.40 23.41 12.47
C VAL B 379 12.93 24.05 11.15
N ALA B 380 12.18 25.01 10.63
CA ALA B 380 12.55 25.80 9.45
C ALA B 380 13.70 26.75 9.77
N CYS B 381 13.68 27.33 10.96
CA CYS B 381 14.79 28.17 11.41
C CYS B 381 16.08 27.34 11.45
N PHE B 382 15.99 26.13 12.01
CA PHE B 382 17.14 25.22 12.09
C PHE B 382 17.72 24.84 10.73
N LEU B 383 16.86 24.46 9.79
CA LEU B 383 17.31 24.09 8.45
C LEU B 383 17.98 25.26 7.71
N THR B 384 17.47 26.47 7.89
CA THR B 384 17.95 27.59 7.08
C THR B 384 18.95 28.47 7.83
N ARG B 385 18.54 29.69 8.17
CA ARG B 385 19.48 30.70 8.62
C ARG B 385 19.98 30.42 10.03
N GLY B 386 19.26 29.59 10.77
CA GLY B 386 19.63 29.33 12.14
C GLY B 386 20.82 28.38 12.29
N ASP B 387 20.84 27.31 11.49
CA ASP B 387 21.87 26.26 11.65
C ASP B 387 22.43 25.68 10.34
N LEU B 388 21.63 24.96 9.56
CA LEU B 388 22.20 24.19 8.44
C LEU B 388 22.51 24.99 7.16
N TRP B 389 21.92 26.17 7.04
CA TRP B 389 22.13 27.04 5.89
C TRP B 389 21.76 26.33 4.58
N VAL B 390 20.68 25.53 4.64
CA VAL B 390 20.16 24.84 3.46
C VAL B 390 19.02 25.65 2.84
N SER B 391 18.95 25.66 1.52
CA SER B 391 17.88 26.39 0.83
C SER B 391 16.47 26.10 1.40
N TRP B 392 15.68 27.15 1.57
CA TRP B 392 14.30 27.03 2.00
C TRP B 392 13.48 26.16 1.02
N GLU B 393 13.94 26.09 -0.22
CA GLU B 393 13.32 25.27 -1.25
C GLU B 393 13.25 23.80 -0.84
N SER B 394 14.32 23.32 -0.21
CA SER B 394 14.38 21.94 0.24
C SER B 394 13.42 21.73 1.39
N GLY B 395 13.22 22.78 2.18
CA GLY B 395 12.30 22.71 3.27
C GLY B 395 10.86 22.63 2.78
N VAL B 396 10.55 23.42 1.75
CA VAL B 396 9.22 23.43 1.15
C VAL B 396 8.90 22.02 0.64
N ARG B 397 9.87 21.41 -0.03
CA ARG B 397 9.73 20.05 -0.58
C ARG B 397 9.42 18.98 0.49
N VAL B 398 10.15 19.00 1.60
CA VAL B 398 9.89 18.05 2.68
C VAL B 398 8.52 18.29 3.32
N PHE B 399 8.19 19.55 3.59
CA PHE B 399 6.86 19.88 4.12
C PHE B 399 5.73 19.49 3.16
N ASP B 400 5.93 19.73 1.88
CA ASP B 400 4.96 19.29 0.89
C ASP B 400 4.74 17.77 0.92
N GLU B 401 5.81 17.02 1.13
CA GLU B 401 5.72 15.56 1.14
C GLU B 401 5.05 15.02 2.38
N LEU B 402 5.04 15.80 3.45
CA LEU B 402 4.62 15.28 4.74
C LEU B 402 3.42 15.95 5.38
N LEU B 403 3.19 17.24 5.09
CA LEU B 403 2.10 18.00 5.71
C LEU B 403 0.70 17.67 5.18
N LEU B 404 -0.25 17.47 6.09
CA LEU B 404 -1.61 17.20 5.66
C LEU B 404 -2.17 18.43 5.00
N ASP B 405 -1.70 19.59 5.45
CA ASP B 405 -2.23 20.89 5.03
C ASP B 405 -1.30 21.56 4.03
N ALA B 406 -0.29 20.81 3.57
CA ALA B 406 0.67 21.26 2.56
C ALA B 406 -0.05 22.07 1.51
N ASP B 407 0.31 23.34 1.47
CA ASP B 407 -0.41 24.30 0.66
C ASP B 407 0.64 25.09 -0.09
N PHE B 408 0.61 25.01 -1.42
CA PHE B 408 1.59 25.65 -2.28
C PHE B 408 1.92 27.10 -1.90
N SER B 409 0.88 27.92 -1.74
CA SER B 409 1.01 29.32 -1.44
C SER B 409 1.51 29.56 -0.03
N VAL B 410 0.81 28.97 0.94
CA VAL B 410 1.15 29.21 2.33
C VAL B 410 2.53 28.64 2.65
N ASN B 411 2.78 27.41 2.18
CA ASN B 411 4.03 26.71 2.49
C ASN B 411 5.23 27.47 1.92
N ALA B 412 5.21 27.72 0.62
CA ALA B 412 6.29 28.47 -0.01
C ALA B 412 6.45 29.86 0.61
N GLY B 413 5.31 30.52 0.88
CA GLY B 413 5.33 31.85 1.44
C GLY B 413 6.06 31.86 2.77
N SER B 414 5.64 30.93 3.64
CA SER B 414 6.14 30.84 5.00
C SER B 414 7.65 30.62 5.01
N TRP B 415 8.13 29.69 4.19
CA TRP B 415 9.55 29.38 4.10
C TRP B 415 10.38 30.56 3.60
N MET B 416 9.83 31.35 2.69
CA MET B 416 10.50 32.56 2.26
C MET B 416 10.54 33.61 3.37
N TRP B 417 9.42 33.73 4.09
CA TRP B 417 9.29 34.71 5.14
C TRP B 417 10.27 34.40 6.28
N LEU B 418 10.29 33.13 6.68
CA LEU B 418 11.15 32.61 7.75
C LEU B 418 12.60 32.96 7.52
N SER B 419 13.08 32.54 6.37
CA SER B 419 14.50 32.51 6.04
C SER B 419 15.00 33.87 5.61
N CYS B 420 14.14 34.88 5.72
CA CYS B 420 14.46 36.23 5.28
C CYS B 420 14.84 36.29 3.79
N SER B 421 14.06 35.59 2.96
CA SER B 421 14.26 35.56 1.52
C SER B 421 13.27 36.47 0.75
N ALA B 422 12.14 36.82 1.38
CA ALA B 422 11.17 37.72 0.75
C ALA B 422 10.36 38.49 1.77
N PHE B 423 9.52 39.39 1.27
CA PHE B 423 8.80 40.32 2.11
C PHE B 423 9.88 41.16 2.82
N PHE B 424 9.68 41.56 4.07
CA PHE B 424 10.73 42.38 4.71
C PHE B 424 11.08 41.99 6.14
N GLN B 425 12.19 41.27 6.29
CA GLN B 425 12.76 40.97 7.60
C GLN B 425 14.27 40.93 7.52
N GLN B 426 14.93 41.99 7.98
CA GLN B 426 16.39 42.01 8.02
C GLN B 426 16.90 40.96 9.00
N PHE B 427 16.43 41.05 10.25
CA PHE B 427 16.70 40.02 11.24
C PHE B 427 15.41 39.31 11.62
N PHE B 428 15.51 38.01 11.86
CA PHE B 428 14.33 37.26 12.24
C PHE B 428 14.55 36.56 13.60
N HIS B 429 13.60 35.70 13.92
CA HIS B 429 13.42 35.20 15.25
C HIS B 429 14.41 34.12 15.59
N CYS B 430 15.16 34.34 16.66
CA CYS B 430 16.24 33.43 17.02
C CYS B 430 15.69 32.30 17.88
N TYR B 431 15.45 31.16 17.23
CA TYR B 431 14.95 29.99 17.92
C TYR B 431 16.10 29.06 18.26
N CYS B 432 16.35 28.91 19.56
CA CYS B 432 17.37 27.98 20.01
C CYS B 432 16.83 26.56 19.95
N PRO B 433 17.51 25.69 19.21
CA PRO B 433 17.14 24.28 19.04
C PRO B 433 17.06 23.54 20.36
N VAL B 434 17.60 24.14 21.41
CA VAL B 434 17.51 23.60 22.75
C VAL B 434 16.58 24.48 23.57
N GLY B 435 16.91 25.77 23.59
CA GLY B 435 16.16 26.73 24.41
C GLY B 435 14.68 26.82 24.09
N PHE B 436 14.32 26.88 22.81
CA PHE B 436 12.92 27.05 22.44
C PHE B 436 12.04 25.87 22.86
N GLY B 437 12.51 24.64 22.64
CA GLY B 437 11.85 23.46 23.18
C GLY B 437 11.64 23.49 24.68
N ARG B 438 12.67 23.95 25.40
CA ARG B 438 12.63 24.03 26.86
C ARG B 438 11.55 25.00 27.32
N ARG B 439 11.39 26.11 26.60
CA ARG B 439 10.34 27.09 26.93
C ARG B 439 8.95 26.65 26.51
N THR B 440 8.85 25.79 25.50
CA THR B 440 7.53 25.39 25.01
C THR B 440 7.01 24.22 25.84
N ASP B 441 7.91 23.31 26.19
CA ASP B 441 7.55 22.13 27.01
C ASP B 441 8.67 21.79 27.99
N PRO B 442 8.70 22.49 29.13
CA PRO B 442 9.78 22.26 30.11
C PRO B 442 9.73 20.85 30.69
N SER B 443 8.58 20.20 30.65
CA SER B 443 8.47 18.83 31.18
C SER B 443 9.36 17.89 30.40
N GLY B 444 9.50 18.19 29.11
CA GLY B 444 10.30 17.39 28.21
C GLY B 444 9.51 16.20 27.72
N ASP B 445 8.22 16.16 28.05
CA ASP B 445 7.39 14.98 27.75
C ASP B 445 7.11 14.83 26.27
N TYR B 446 7.00 15.95 25.55
CA TYR B 446 6.85 15.93 24.10
C TYR B 446 8.01 15.13 23.46
N ILE B 447 9.24 15.37 23.91
CA ILE B 447 10.40 14.58 23.47
C ILE B 447 10.29 13.10 23.88
N ARG B 448 9.95 12.84 25.13
CA ARG B 448 9.76 11.46 25.60
C ARG B 448 8.73 10.73 24.73
N ARG B 449 7.71 11.45 24.28
CA ARG B 449 6.68 10.86 23.44
C ARG B 449 7.16 10.48 22.04
N TYR B 450 7.75 11.41 21.30
CA TYR B 450 8.13 11.11 19.91
C TYR B 450 9.54 10.53 19.79
N LEU B 451 10.31 10.59 20.87
CA LEU B 451 11.64 10.01 20.87
C LEU B 451 11.87 9.12 22.11
N PRO B 452 11.22 7.94 22.16
CA PRO B 452 11.28 7.13 23.39
C PRO B 452 12.67 6.59 23.77
N LYS B 453 13.62 6.60 22.84
CA LYS B 453 15.00 6.21 23.19
C LYS B 453 15.64 7.19 24.17
N LEU B 454 15.06 8.37 24.31
CA LEU B 454 15.57 9.43 25.21
C LEU B 454 14.75 9.54 26.50
N LYS B 455 13.75 8.66 26.65
CA LYS B 455 12.78 8.73 27.75
C LYS B 455 13.45 8.80 29.13
N GLY B 456 14.61 8.16 29.26
CA GLY B 456 15.29 8.06 30.54
C GLY B 456 15.99 9.33 31.01
N PHE B 457 16.34 10.22 30.10
CA PHE B 457 17.01 11.46 30.49
C PHE B 457 16.15 12.33 31.42
N PRO B 458 16.79 12.91 32.44
CA PRO B 458 16.19 13.97 33.27
C PRO B 458 15.91 15.19 32.43
N SER B 459 14.97 16.02 32.84
CA SER B 459 14.56 17.18 32.06
C SER B 459 15.70 18.18 31.89
N ARG B 460 16.60 18.21 32.86
CA ARG B 460 17.81 19.03 32.82
C ARG B 460 18.67 18.75 31.57
N TYR B 461 18.65 17.51 31.09
CA TYR B 461 19.51 17.14 29.97
C TYR B 461 18.73 16.77 28.71
N ILE B 462 17.43 16.54 28.85
CA ILE B 462 16.69 15.90 27.76
C ILE B 462 16.71 16.71 26.44
N TYR B 463 16.77 18.02 26.56
CA TYR B 463 16.87 18.87 25.37
C TYR B 463 18.31 18.96 24.82
N GLU B 464 19.29 18.62 25.66
CA GLU B 464 20.69 18.67 25.24
C GLU B 464 21.48 17.46 25.77
N PRO B 465 21.06 16.25 25.38
CA PRO B 465 21.57 15.02 26.01
C PRO B 465 23.08 14.79 25.87
N TRP B 466 23.73 15.45 24.91
CA TRP B 466 25.20 15.35 24.77
C TRP B 466 25.92 15.97 25.96
N ASN B 467 25.22 16.87 26.65
CA ASN B 467 25.78 17.50 27.83
C ASN B 467 25.61 16.68 29.11
N ALA B 468 24.88 15.57 29.03
CA ALA B 468 24.78 14.68 30.20
C ALA B 468 26.12 14.00 30.45
N PRO B 469 26.53 13.91 31.72
CA PRO B 469 27.72 13.12 32.04
C PRO B 469 27.53 11.70 31.49
N GLU B 470 28.62 11.02 31.15
CA GLU B 470 28.52 9.67 30.60
C GLU B 470 27.73 8.72 31.50
N SER B 471 27.86 8.88 32.82
CA SER B 471 27.10 8.04 33.75
C SER B 471 25.59 8.27 33.67
N VAL B 472 25.19 9.54 33.50
CA VAL B 472 23.78 9.88 33.36
C VAL B 472 23.21 9.29 32.07
N GLN B 473 24.01 9.33 31.00
CA GLN B 473 23.68 8.69 29.73
C GLN B 473 23.51 7.18 29.91
N LYS B 474 24.45 6.55 30.62
CA LYS B 474 24.36 5.12 30.91
C LYS B 474 23.10 4.79 31.73
N ALA B 475 22.86 5.56 32.79
CA ALA B 475 21.63 5.46 33.58
C ALA B 475 20.37 5.64 32.73
N ALA B 476 20.42 6.57 31.78
CA ALA B 476 19.29 6.80 30.88
C ALA B 476 19.13 5.66 29.85
N LYS B 477 20.13 4.79 29.78
CA LYS B 477 20.16 3.70 28.80
C LYS B 477 20.10 4.23 27.37
N CYS B 478 20.91 5.24 27.11
CA CYS B 478 21.00 5.88 25.82
C CYS B 478 22.35 6.58 25.70
N ILE B 479 23.31 5.90 25.09
CA ILE B 479 24.64 6.47 24.91
C ILE B 479 24.61 7.36 23.68
N ILE B 480 24.86 8.66 23.89
CA ILE B 480 24.87 9.61 22.78
C ILE B 480 26.03 9.28 21.82
N GLY B 481 25.69 9.11 20.55
CA GLY B 481 26.67 8.71 19.56
C GLY B 481 26.54 7.24 19.24
N VAL B 482 25.77 6.52 20.04
CA VAL B 482 25.47 5.11 19.79
C VAL B 482 23.95 4.91 19.66
N ASP B 483 23.19 5.26 20.69
CA ASP B 483 21.75 5.00 20.67
C ASP B 483 20.94 6.12 20.04
N TYR B 484 21.48 7.33 20.13
CA TYR B 484 20.86 8.51 19.56
C TYR B 484 22.03 9.38 19.11
N PRO B 485 21.88 10.05 17.95
CA PRO B 485 23.03 10.77 17.38
C PRO B 485 23.56 11.94 18.22
N ARG B 486 24.83 12.25 18.01
CA ARG B 486 25.41 13.51 18.49
C ARG B 486 24.80 14.68 17.69
N PRO B 487 24.87 15.90 18.24
CA PRO B 487 24.39 17.04 17.43
C PRO B 487 25.21 17.17 16.16
N ILE B 488 24.57 17.42 15.03
CA ILE B 488 25.28 17.49 13.75
C ILE B 488 26.02 18.82 13.48
N VAL B 489 25.70 19.85 14.25
CA VAL B 489 26.50 21.08 14.24
C VAL B 489 26.60 21.55 15.68
N ASN B 490 27.55 22.44 15.94
CA ASN B 490 27.51 23.16 17.21
C ASN B 490 26.69 24.41 17.03
N HIS B 491 25.56 24.48 17.73
CA HIS B 491 24.62 25.59 17.53
C HIS B 491 25.25 26.96 17.76
N ALA B 492 25.95 27.11 18.88
CA ALA B 492 26.57 28.40 19.22
C ALA B 492 27.44 28.95 18.10
N GLU B 493 28.39 28.15 17.62
CA GLU B 493 29.31 28.61 16.59
C GLU B 493 28.57 28.83 15.28
N THR B 494 27.67 27.91 14.99
CA THR B 494 27.02 27.86 13.68
C THR B 494 26.04 29.00 13.48
N SER B 495 25.19 29.22 14.48
CA SER B 495 24.22 30.30 14.43
C SER B 495 24.96 31.63 14.28
N ARG B 496 26.15 31.71 14.88
CA ARG B 496 26.97 32.92 14.79
C ARG B 496 27.52 33.15 13.38
N LEU B 497 28.05 32.10 12.76
CA LEU B 497 28.63 32.19 11.42
C LEU B 497 27.54 32.61 10.44
N ASN B 498 26.34 32.08 10.65
CA ASN B 498 25.24 32.36 9.75
C ASN B 498 24.78 33.81 9.81
N ILE B 499 24.88 34.44 10.98
CA ILE B 499 24.55 35.86 11.11
C ILE B 499 25.48 36.70 10.22
N GLU B 500 26.77 36.38 10.25
CA GLU B 500 27.74 37.10 9.44
C GLU B 500 27.50 36.91 7.95
N ARG B 501 27.05 35.71 7.58
CA ARG B 501 26.73 35.44 6.18
C ARG B 501 25.48 36.19 5.72
N MET B 502 24.53 36.40 6.63
CA MET B 502 23.32 37.12 6.29
C MET B 502 23.56 38.64 6.24
N LYS B 503 24.58 39.10 6.94
CA LYS B 503 24.95 40.50 6.89
C LYS B 503 25.43 40.85 5.49
N GLN B 504 26.47 40.15 5.06
CA GLN B 504 27.15 40.44 3.78
C GLN B 504 26.23 40.32 2.57
N ILE B 505 25.15 39.56 2.71
CA ILE B 505 24.18 39.43 1.63
C ILE B 505 23.29 40.67 1.55
N TYR B 506 22.84 41.14 2.71
CA TYR B 506 21.99 42.32 2.78
C TYR B 506 22.78 43.61 2.58
N GLN B 507 24.10 43.53 2.77
CA GLN B 507 24.98 44.70 2.65
C GLN B 507 25.30 45.05 1.20
N GLN B 508 25.47 44.02 0.37
CA GLN B 508 25.68 44.25 -1.06
C GLN B 508 24.34 44.40 -1.77
N LEU B 509 23.26 44.24 -1.00
CA LEU B 509 21.90 44.38 -1.50
C LEU B 509 21.49 45.85 -1.53
N SER B 510 21.47 46.47 -0.36
CA SER B 510 21.11 47.89 -0.23
C SER B 510 22.35 48.78 -0.37
N ARG B 511 23.46 48.18 -0.77
CA ARG B 511 24.74 48.89 -0.95
C ARG B 511 25.17 49.61 0.33
#